data_4BOJ
#
_entry.id   4BOJ
#
_cell.length_a   70.630
_cell.length_b   114.140
_cell.length_c   134.410
_cell.angle_alpha   90.00
_cell.angle_beta   90.00
_cell.angle_gamma   90.00
#
_symmetry.space_group_name_H-M   'P 21 21 21'
#
loop_
_entity.id
_entity.type
_entity.pdbx_description
1 polymer ALPHA-1,6-MANNANASE
2 branched alpha-D-mannopyranose-(1-6)-alpha-D-mannopyranose
3 water water
#
_entity_poly.entity_id   1
_entity_poly.type   'polypeptide(L)'
_entity_poly.pdbx_seq_one_letter_code
;PLGAYTASDGDTAMKAFNDTFWDPNAKMFWKDSKREKHQDAWVEAELWELVMDAYQHTSDPALKAELKTQIDDVYDGTVA
KYGQDWTNNPFNDDIMWWAMGSARAYQITGNPRYLEAARDHFDFVYDTQWDEEFANGGIWWLNSDHNTKNACINFPAAQA
ALYLYDITKDEHYLNAATKIFRWGKTMLTDGNGKVFDRIEIEHGAVPDATHYNQGTYIGSAVGLYKATGNAVYLDDAVKA
AKFTKNHLVDSNGVLNYEGPNGDLKGGKTILMRNLAHLQKTLDETGQYPEFSAEFDEWLAFNIEMAWSHRNSDHIVDGNW
AGQLLSGTYESWSSAAAVQALNGI
;
_entity_poly.pdbx_strand_id   A,B,C
#
loop_
_chem_comp.id
_chem_comp.type
_chem_comp.name
_chem_comp.formula
MAN D-saccharide, alpha linking alpha-D-mannopyranose 'C6 H12 O6'
#
# COMPACT_ATOMS: atom_id res chain seq x y z
N SER A 8 1.39 -2.37 41.21
CA SER A 8 2.30 -3.37 40.66
C SER A 8 2.99 -2.82 39.45
N ASP A 9 4.08 -3.47 39.09
CA ASP A 9 4.76 -3.12 37.88
C ASP A 9 3.88 -3.34 36.66
N GLY A 10 3.00 -4.34 36.72
CA GLY A 10 2.04 -4.54 35.63
C GLY A 10 1.12 -3.32 35.43
N ASP A 11 0.67 -2.69 36.53
CA ASP A 11 -0.13 -1.46 36.42
C ASP A 11 0.69 -0.34 35.81
N THR A 12 1.91 -0.15 36.31
CA THR A 12 2.79 0.88 35.76
C THR A 12 3.02 0.73 34.27
N ALA A 13 3.28 -0.51 33.88
CA ALA A 13 3.58 -0.79 32.49
C ALA A 13 2.37 -0.57 31.59
N MET A 14 1.20 -1.03 32.05
CA MET A 14 -0.01 -0.82 31.24
C MET A 14 -0.38 0.67 31.11
N LYS A 15 -0.29 1.41 32.21
CA LYS A 15 -0.57 2.86 32.17
C LYS A 15 0.38 3.58 31.23
N ALA A 16 1.66 3.22 31.28
CA ALA A 16 2.62 3.83 30.41
C ALA A 16 2.35 3.47 28.95
N PHE A 17 2.00 2.20 28.73
CA PHE A 17 1.68 1.79 27.37
C PHE A 17 0.51 2.60 26.80
N ASN A 18 -0.55 2.77 27.59
CA ASN A 18 -1.63 3.64 27.13
C ASN A 18 -1.22 5.10 26.93
N ASP A 19 -0.45 5.64 27.87
CA ASP A 19 0.00 7.01 27.73
C ASP A 19 0.74 7.25 26.44
N THR A 20 1.58 6.29 26.05
CA THR A 20 2.40 6.44 24.85
C THR A 20 1.70 6.10 23.55
N PHE A 21 0.83 5.08 23.59
CA PHE A 21 0.30 4.52 22.35
C PHE A 21 -1.21 4.57 22.15
N TRP A 22 -1.97 4.79 23.22
CA TRP A 22 -3.45 4.76 23.06
C TRP A 22 -3.97 6.08 22.46
N ASP A 23 -4.84 5.97 21.47
CA ASP A 23 -5.53 7.14 20.88
C ASP A 23 -7.00 7.09 21.35
N PRO A 24 -7.36 7.95 22.30
CA PRO A 24 -8.72 7.88 22.86
C PRO A 24 -9.76 8.48 21.92
N ASN A 25 -9.35 9.16 20.85
CA ASN A 25 -10.30 9.70 19.88
C ASN A 25 -10.64 8.65 18.85
N ALA A 26 -9.61 7.99 18.30
CA ALA A 26 -9.87 6.89 17.36
C ALA A 26 -10.25 5.59 18.07
N LYS A 27 -10.02 5.51 19.37
CA LYS A 27 -10.22 4.27 20.15
C LYS A 27 -9.42 3.12 19.52
N MET A 28 -8.15 3.41 19.23
CA MET A 28 -7.25 2.46 18.61
C MET A 28 -5.87 2.79 19.10
N PHE A 29 -4.99 1.80 19.13
CA PHE A 29 -3.57 2.11 19.39
C PHE A 29 -2.83 2.66 18.17
N TRP A 30 -1.94 3.61 18.43
CA TRP A 30 -0.99 4.04 17.41
C TRP A 30 0.02 2.93 17.15
N LYS A 31 0.53 2.88 15.91
CA LYS A 31 1.55 1.89 15.58
C LYS A 31 2.88 2.21 16.26
N ASP A 32 3.17 3.49 16.44
CA ASP A 32 4.42 3.85 17.13
C ASP A 32 4.26 5.18 17.85
N SER A 33 5.28 5.59 18.59
CA SER A 33 5.23 6.76 19.46
C SER A 33 5.15 8.09 18.72
N LYS A 34 5.36 8.07 17.41
CA LYS A 34 5.14 9.27 16.58
C LYS A 34 3.67 9.60 16.36
N ARG A 35 2.80 8.63 16.64
CA ARG A 35 1.35 8.87 16.56
C ARG A 35 0.93 9.32 15.17
N GLU A 36 1.35 8.56 14.15
CA GLU A 36 1.08 8.85 12.73
C GLU A 36 0.10 7.92 12.00
N LYS A 37 0.23 6.62 12.25
CA LYS A 37 -0.64 5.60 11.69
C LYS A 37 -1.06 4.73 12.87
N HIS A 38 -2.25 4.17 12.78
CA HIS A 38 -2.70 3.26 13.82
C HIS A 38 -2.23 1.85 13.55
N GLN A 39 -2.33 1.01 14.57
CA GLN A 39 -1.85 -0.36 14.52
C GLN A 39 -2.55 -1.20 13.45
N ASP A 40 -1.83 -2.17 12.92
CA ASP A 40 -2.38 -3.13 11.95
C ASP A 40 -3.55 -3.86 12.60
N ALA A 41 -4.55 -4.24 11.83
CA ALA A 41 -5.76 -4.88 12.34
C ALA A 41 -5.53 -6.12 13.20
N TRP A 42 -4.72 -7.07 12.72
CA TRP A 42 -4.57 -8.31 13.51
C TRP A 42 -3.84 -8.04 14.81
N VAL A 43 -2.83 -7.18 14.75
CA VAL A 43 -2.06 -6.85 15.95
C VAL A 43 -2.97 -6.14 16.95
N GLU A 44 -3.90 -5.34 16.45
CA GLU A 44 -4.82 -4.63 17.31
C GLU A 44 -5.66 -5.64 18.12
N ALA A 45 -6.01 -6.81 17.55
CA ALA A 45 -6.69 -7.83 18.36
C ALA A 45 -5.84 -8.32 19.49
N GLU A 46 -4.52 -8.37 19.28
CA GLU A 46 -3.63 -8.84 20.31
C GLU A 46 -3.42 -7.81 21.39
N LEU A 47 -3.44 -6.52 21.02
CA LEU A 47 -3.43 -5.44 22.01
C LEU A 47 -4.78 -5.36 22.75
N TRP A 48 -5.87 -5.75 22.10
CA TRP A 48 -7.18 -5.88 22.78
C TRP A 48 -7.08 -6.93 23.88
N GLU A 49 -6.50 -8.08 23.56
CA GLU A 49 -6.27 -9.11 24.57
C GLU A 49 -5.32 -8.66 25.67
N LEU A 50 -4.32 -7.83 25.37
CA LEU A 50 -3.45 -7.28 26.41
C LEU A 50 -4.27 -6.42 27.38
N VAL A 51 -5.15 -5.58 26.86
CA VAL A 51 -6.02 -4.80 27.74
C VAL A 51 -6.83 -5.72 28.64
N MET A 52 -7.38 -6.79 28.07
CA MET A 52 -8.12 -7.77 28.88
C MET A 52 -7.25 -8.42 29.96
N ASP A 53 -6.03 -8.79 29.61
CA ASP A 53 -5.14 -9.45 30.55
C ASP A 53 -4.75 -8.48 31.67
N ALA A 54 -4.52 -7.20 31.40
CA ALA A 54 -4.22 -6.23 32.44
C ALA A 54 -5.45 -5.99 33.29
N TYR A 55 -6.63 -5.92 32.68
CA TYR A 55 -7.86 -5.81 33.42
C TYR A 55 -8.01 -6.93 34.45
N GLN A 56 -7.68 -8.15 34.06
CA GLN A 56 -7.78 -9.27 34.98
C GLN A 56 -6.70 -9.26 36.03
N HIS A 57 -5.56 -8.66 35.73
CA HIS A 57 -4.40 -8.71 36.64
C HIS A 57 -4.46 -7.65 37.74
N THR A 58 -4.92 -6.45 37.43
CA THR A 58 -4.82 -5.28 38.31
C THR A 58 -5.76 -5.28 39.52
N SER A 59 -5.35 -4.56 40.58
CA SER A 59 -6.24 -4.22 41.71
C SER A 59 -6.49 -2.71 41.87
N ASP A 60 -5.84 -1.88 41.06
CA ASP A 60 -6.01 -0.45 41.15
C ASP A 60 -7.41 -0.15 40.67
N PRO A 61 -8.27 0.40 41.55
CA PRO A 61 -9.68 0.53 41.11
C PRO A 61 -9.87 1.56 39.99
N ALA A 62 -9.10 2.64 39.99
CA ALA A 62 -9.20 3.58 38.89
C ALA A 62 -8.75 2.87 37.59
N LEU A 63 -7.64 2.14 37.66
CA LEU A 63 -7.15 1.40 36.47
C LEU A 63 -8.10 0.30 36.02
N LYS A 64 -8.63 -0.47 36.93
CA LYS A 64 -9.49 -1.57 36.58
C LYS A 64 -10.72 -1.04 35.84
N ALA A 65 -11.31 0.05 36.35
CA ALA A 65 -12.48 0.69 35.71
C ALA A 65 -12.13 1.20 34.32
N GLU A 66 -10.98 1.85 34.19
CA GLU A 66 -10.55 2.33 32.90
C GLU A 66 -10.35 1.15 31.93
N LEU A 67 -9.72 0.06 32.37
CA LEU A 67 -9.46 -1.04 31.44
C LEU A 67 -10.73 -1.71 30.98
N LYS A 68 -11.72 -1.81 31.88
CA LYS A 68 -12.95 -2.47 31.49
C LYS A 68 -13.64 -1.64 30.42
N THR A 69 -13.62 -0.32 30.55
CA THR A 69 -14.18 0.57 29.53
C THR A 69 -13.40 0.40 28.20
N GLN A 70 -12.09 0.28 28.33
CA GLN A 70 -11.23 0.18 27.15
C GLN A 70 -11.51 -1.07 26.37
N ILE A 71 -11.91 -2.14 27.04
CA ILE A 71 -12.25 -3.38 26.32
C ILE A 71 -13.35 -3.10 25.27
N ASP A 72 -14.39 -2.35 25.65
CA ASP A 72 -15.43 -2.04 24.70
C ASP A 72 -14.99 -1.02 23.70
N ASP A 73 -14.19 -0.03 24.16
CA ASP A 73 -13.72 1.00 23.23
C ASP A 73 -12.84 0.45 22.11
N VAL A 74 -11.95 -0.51 22.40
CA VAL A 74 -11.09 -1.03 21.35
C VAL A 74 -11.96 -1.66 20.27
N TYR A 75 -12.97 -2.43 20.66
CA TYR A 75 -13.87 -3.01 19.67
C TYR A 75 -14.54 -1.91 18.86
N ASP A 76 -15.08 -0.89 19.53
CA ASP A 76 -15.77 0.16 18.80
C ASP A 76 -14.82 0.87 17.82
N GLY A 77 -13.58 1.15 18.22
CA GLY A 77 -12.66 1.84 17.33
C GLY A 77 -12.34 0.99 16.10
N THR A 78 -12.17 -0.31 16.32
CA THR A 78 -11.89 -1.21 15.21
C THR A 78 -13.07 -1.36 14.27
N VAL A 79 -14.27 -1.56 14.80
CA VAL A 79 -15.45 -1.67 13.95
C VAL A 79 -15.73 -0.34 13.22
N ALA A 80 -15.37 0.80 13.82
CA ALA A 80 -15.59 2.09 13.12
C ALA A 80 -14.71 2.18 11.89
N LYS A 81 -13.52 1.60 11.95
CA LYS A 81 -12.56 1.69 10.83
C LYS A 81 -12.81 0.58 9.82
N TYR A 82 -13.08 -0.63 10.29
CA TYR A 82 -13.10 -1.82 9.42
C TYR A 82 -14.47 -2.42 9.20
N GLY A 83 -15.47 -1.99 9.96
CA GLY A 83 -16.78 -2.59 9.94
C GLY A 83 -16.89 -3.79 10.90
N GLN A 84 -18.12 -4.24 11.05
CA GLN A 84 -18.48 -5.32 11.95
C GLN A 84 -18.32 -6.71 11.32
N ASP A 85 -18.47 -6.78 10.01
CA ASP A 85 -18.47 -8.06 9.30
C ASP A 85 -17.13 -8.18 8.69
N TRP A 86 -16.35 -9.17 9.14
CA TRP A 86 -15.00 -9.31 8.71
C TRP A 86 -14.86 -10.44 7.67
N THR A 87 -15.99 -11.00 7.23
CA THR A 87 -15.92 -12.20 6.35
C THR A 87 -15.47 -11.92 4.92
N ASN A 88 -15.31 -10.66 4.59
CA ASN A 88 -14.72 -10.30 3.32
C ASN A 88 -13.25 -10.03 3.38
N ASN A 89 -12.66 -10.10 4.58
CA ASN A 89 -11.22 -9.89 4.74
C ASN A 89 -10.54 -11.14 4.14
N PRO A 90 -9.55 -11.01 3.27
CA PRO A 90 -8.95 -12.18 2.61
C PRO A 90 -8.02 -13.00 3.53
N PHE A 91 -7.67 -12.45 4.68
CA PHE A 91 -6.74 -13.11 5.61
C PHE A 91 -7.53 -13.86 6.65
N ASN A 92 -7.53 -15.20 6.56
CA ASN A 92 -8.27 -15.95 7.59
C ASN A 92 -7.69 -15.77 8.97
N ASP A 93 -6.36 -15.58 9.10
CA ASP A 93 -5.79 -15.31 10.42
C ASP A 93 -6.32 -14.01 11.04
N ASP A 94 -6.39 -12.90 10.29
CA ASP A 94 -6.90 -11.64 10.83
C ASP A 94 -8.30 -11.89 11.37
N ILE A 95 -9.12 -12.63 10.60
CA ILE A 95 -10.49 -12.90 11.05
C ILE A 95 -10.48 -13.68 12.37
N MET A 96 -9.64 -14.72 12.44
CA MET A 96 -9.62 -15.59 13.61
C MET A 96 -9.03 -14.90 14.83
N TRP A 97 -8.03 -14.05 14.70
CA TRP A 97 -7.52 -13.33 15.84
C TRP A 97 -8.61 -12.45 16.45
N TRP A 98 -9.40 -11.79 15.60
CA TRP A 98 -10.53 -11.03 16.10
C TRP A 98 -11.65 -11.90 16.66
N ALA A 99 -11.88 -13.06 16.08
CA ALA A 99 -12.88 -13.97 16.63
C ALA A 99 -12.51 -14.40 18.03
N MET A 100 -11.24 -14.75 18.22
CA MET A 100 -10.75 -15.16 19.54
C MET A 100 -10.83 -14.02 20.56
N GLY A 101 -10.43 -12.81 20.15
CA GLY A 101 -10.56 -11.67 21.01
C GLY A 101 -12.03 -11.44 21.42
N SER A 102 -12.93 -11.58 20.46
CA SER A 102 -14.36 -11.34 20.73
C SER A 102 -14.89 -12.38 21.69
N ALA A 103 -14.44 -13.62 21.59
CA ALA A 103 -14.89 -14.64 22.53
C ALA A 103 -14.47 -14.28 23.94
N ARG A 104 -13.24 -13.83 24.12
CA ARG A 104 -12.77 -13.38 25.41
C ARG A 104 -13.55 -12.17 25.90
N ALA A 105 -13.83 -11.24 25.02
CA ALA A 105 -14.61 -10.07 25.40
C ALA A 105 -15.99 -10.48 25.87
N TYR A 106 -16.59 -11.50 25.25
CA TYR A 106 -17.86 -12.05 25.75
C TYR A 106 -17.74 -12.61 27.13
N GLN A 107 -16.68 -13.34 27.42
CA GLN A 107 -16.51 -13.92 28.75
C GLN A 107 -16.44 -12.85 29.81
N ILE A 108 -15.81 -11.73 29.48
CA ILE A 108 -15.58 -10.68 30.45
C ILE A 108 -16.83 -9.78 30.62
N THR A 109 -17.46 -9.42 29.51
CA THR A 109 -18.54 -8.45 29.53
C THR A 109 -19.92 -9.02 29.49
N GLY A 110 -20.15 -10.21 28.97
CA GLY A 110 -21.50 -10.73 28.79
C GLY A 110 -22.32 -10.07 27.68
N ASN A 111 -21.67 -9.22 26.88
CA ASN A 111 -22.42 -8.52 25.83
C ASN A 111 -22.63 -9.42 24.63
N PRO A 112 -23.86 -9.75 24.26
CA PRO A 112 -24.07 -10.69 23.15
C PRO A 112 -23.42 -10.29 21.84
N ARG A 113 -23.14 -9.00 21.60
CA ARG A 113 -22.51 -8.64 20.34
C ARG A 113 -21.19 -9.40 20.19
N TYR A 114 -20.50 -9.67 21.30
CA TYR A 114 -19.20 -10.36 21.22
C TYR A 114 -19.35 -11.83 20.93
N LEU A 115 -20.39 -12.47 21.47
CA LEU A 115 -20.64 -13.87 21.15
C LEU A 115 -20.97 -14.00 19.69
N GLU A 116 -21.81 -13.11 19.16
CA GLU A 116 -22.13 -13.16 17.75
C GLU A 116 -20.89 -12.91 16.87
N ALA A 117 -20.07 -11.92 17.25
CA ALA A 117 -18.83 -11.68 16.50
C ALA A 117 -17.92 -12.91 16.53
N ALA A 118 -17.70 -13.50 17.71
CA ALA A 118 -16.86 -14.68 17.82
C ALA A 118 -17.39 -15.84 17.03
N ARG A 119 -18.65 -16.18 17.28
CA ARG A 119 -19.21 -17.37 16.67
C ARG A 119 -19.35 -17.23 15.16
N ASP A 120 -19.84 -16.09 14.66
CA ASP A 120 -20.03 -15.96 13.22
C ASP A 120 -18.72 -15.98 12.48
N HIS A 121 -17.68 -15.35 13.03
CA HIS A 121 -16.41 -15.34 12.33
C HIS A 121 -15.65 -16.66 12.46
N PHE A 122 -15.71 -17.32 13.62
CA PHE A 122 -15.15 -18.66 13.73
C PHE A 122 -15.85 -19.58 12.75
N ASP A 123 -17.17 -19.55 12.74
CA ASP A 123 -17.91 -20.45 11.86
C ASP A 123 -17.56 -20.20 10.39
N PHE A 124 -17.44 -18.93 9.98
CA PHE A 124 -17.09 -18.66 8.59
C PHE A 124 -15.76 -19.34 8.24
N VAL A 125 -14.75 -19.16 9.09
CA VAL A 125 -13.44 -19.70 8.77
C VAL A 125 -13.41 -21.22 8.88
N TYR A 126 -13.93 -21.77 9.99
CA TYR A 126 -13.83 -23.22 10.14
C TYR A 126 -14.72 -23.96 9.13
N ASP A 127 -15.91 -23.44 8.93
CA ASP A 127 -16.87 -24.14 8.06
C ASP A 127 -16.52 -24.07 6.60
N THR A 128 -15.89 -22.98 6.18
CA THR A 128 -15.58 -22.84 4.75
C THR A 128 -14.11 -22.94 4.36
N GLN A 129 -13.19 -22.80 5.32
CA GLN A 129 -11.76 -22.76 5.01
C GLN A 129 -10.99 -23.97 5.55
N TRP A 130 -11.66 -24.85 6.31
CA TRP A 130 -11.06 -26.16 6.63
C TRP A 130 -11.14 -26.97 5.36
N ASP A 131 -10.06 -27.69 5.05
CA ASP A 131 -9.99 -28.45 3.83
C ASP A 131 -9.20 -29.73 4.05
N GLU A 132 -9.65 -30.80 3.38
CA GLU A 132 -8.95 -32.06 3.44
C GLU A 132 -8.27 -32.46 2.14
N GLU A 133 -8.42 -31.65 1.10
CA GLU A 133 -7.79 -31.99 -0.19
C GLU A 133 -6.28 -31.83 -0.15
N PHE A 134 -5.81 -30.84 0.61
CA PHE A 134 -4.40 -30.61 0.84
C PHE A 134 -3.99 -30.85 2.28
N ALA A 135 -2.90 -31.61 2.50
CA ALA A 135 -2.33 -31.88 3.82
C ALA A 135 -3.25 -32.64 4.77
N ASN A 136 -4.29 -33.27 4.22
CA ASN A 136 -5.21 -34.13 4.98
C ASN A 136 -5.97 -33.40 6.09
N GLY A 137 -6.16 -32.10 5.91
CA GLY A 137 -6.83 -31.30 6.93
C GLY A 137 -6.19 -29.94 7.00
N GLY A 138 -6.67 -29.11 7.92
CA GLY A 138 -6.09 -27.80 8.16
C GLY A 138 -6.83 -26.69 7.46
N ILE A 139 -6.70 -25.51 8.06
CA ILE A 139 -7.34 -24.29 7.57
C ILE A 139 -6.32 -23.50 6.72
N TRP A 140 -6.80 -23.02 5.57
CA TRP A 140 -6.01 -22.15 4.71
C TRP A 140 -5.65 -20.83 5.41
N TRP A 141 -4.48 -20.30 5.09
CA TRP A 141 -4.06 -18.98 5.57
C TRP A 141 -4.99 -17.88 5.02
N LEU A 142 -5.30 -17.94 3.73
CA LEU A 142 -6.12 -16.94 3.05
C LEU A 142 -7.40 -17.54 2.53
N ASN A 143 -8.42 -16.71 2.37
CA ASN A 143 -9.60 -17.16 1.64
C ASN A 143 -9.65 -16.67 0.19
N SER A 144 -8.73 -15.81 -0.18
CA SER A 144 -8.68 -15.30 -1.56
C SER A 144 -7.92 -16.25 -2.47
N ASP A 145 -6.89 -16.89 -1.93
CA ASP A 145 -6.07 -17.86 -2.66
C ASP A 145 -5.76 -19.01 -1.70
N HIS A 146 -5.77 -20.25 -2.18
CA HIS A 146 -5.51 -21.40 -1.31
C HIS A 146 -4.14 -22.02 -1.63
N ASN A 147 -3.10 -21.52 -0.98
CA ASN A 147 -1.75 -21.93 -1.27
C ASN A 147 -1.01 -22.52 -0.09
N THR A 148 -1.41 -22.15 1.13
CA THR A 148 -0.64 -22.52 2.35
C THR A 148 -1.54 -22.69 3.53
N LYS A 149 -1.18 -23.57 4.45
CA LYS A 149 -1.90 -23.75 5.72
C LYS A 149 -0.92 -23.50 6.81
N ASN A 150 -1.26 -22.62 7.74
CA ASN A 150 -0.27 -22.02 8.62
C ASN A 150 -0.58 -22.23 10.10
N ALA A 151 0.45 -22.30 10.92
CA ALA A 151 0.25 -22.35 12.37
C ALA A 151 -0.53 -21.14 12.85
N CYS A 152 -0.29 -19.97 12.26
CA CYS A 152 -0.88 -18.72 12.76
C CYS A 152 -2.34 -18.56 12.48
N ILE A 153 -2.92 -19.45 11.68
CA ILE A 153 -4.40 -19.56 11.63
C ILE A 153 -4.86 -20.79 12.41
N ASN A 154 -4.17 -21.93 12.28
CA ASN A 154 -4.70 -23.17 12.85
C ASN A 154 -4.71 -23.22 14.37
N PHE A 155 -3.61 -22.85 15.00
CA PHE A 155 -3.64 -22.91 16.46
C PHE A 155 -4.52 -21.85 17.06
N PRO A 156 -4.53 -20.61 16.56
CA PRO A 156 -5.54 -19.65 17.07
C PRO A 156 -6.95 -20.15 16.84
N ALA A 157 -7.22 -20.87 15.76
CA ALA A 157 -8.58 -21.36 15.53
C ALA A 157 -8.93 -22.40 16.60
N ALA A 158 -7.98 -23.27 16.97
CA ALA A 158 -8.26 -24.21 18.04
C ALA A 158 -8.52 -23.46 19.33
N GLN A 159 -7.74 -22.41 19.63
CA GLN A 159 -8.01 -21.59 20.83
C GLN A 159 -9.37 -20.96 20.78
N ALA A 160 -9.75 -20.37 19.67
CA ALA A 160 -11.06 -19.76 19.56
C ALA A 160 -12.18 -20.78 19.76
N ALA A 161 -12.01 -21.97 19.21
CA ALA A 161 -13.00 -23.03 19.41
C ALA A 161 -13.08 -23.41 20.88
N LEU A 162 -11.96 -23.48 21.60
CA LEU A 162 -12.01 -23.81 23.03
C LEU A 162 -12.73 -22.72 23.78
N TYR A 163 -12.50 -21.44 23.46
CA TYR A 163 -13.24 -20.40 24.19
C TYR A 163 -14.71 -20.55 23.89
N LEU A 164 -15.10 -20.79 22.63
CA LEU A 164 -16.51 -20.96 22.29
C LEU A 164 -17.10 -22.18 22.97
N TYR A 165 -16.32 -23.22 23.16
CA TYR A 165 -16.82 -24.39 23.92
C TYR A 165 -17.12 -24.03 25.35
N ASP A 166 -16.22 -23.31 25.99
CA ASP A 166 -16.45 -22.90 27.39
C ASP A 166 -17.70 -22.02 27.46
N ILE A 167 -17.88 -21.10 26.52
CA ILE A 167 -19.00 -20.16 26.53
C ILE A 167 -20.31 -20.90 26.32
N THR A 168 -20.36 -21.78 25.33
CA THR A 168 -21.62 -22.32 24.87
C THR A 168 -21.97 -23.69 25.44
N LYS A 169 -20.97 -24.39 25.92
CA LYS A 169 -21.05 -25.81 26.31
C LYS A 169 -21.47 -26.71 25.17
N ASP A 170 -21.28 -26.27 23.92
CA ASP A 170 -21.64 -27.02 22.74
C ASP A 170 -20.47 -27.85 22.29
N GLU A 171 -20.62 -29.17 22.37
CA GLU A 171 -19.51 -30.08 22.00
C GLU A 171 -19.01 -29.93 20.56
N HIS A 172 -19.82 -29.36 19.69
CA HIS A 172 -19.33 -29.03 18.34
C HIS A 172 -18.01 -28.26 18.37
N TYR A 173 -17.87 -27.32 19.31
CA TYR A 173 -16.65 -26.50 19.40
C TYR A 173 -15.49 -27.25 19.99
N LEU A 174 -15.75 -28.15 20.96
CA LEU A 174 -14.67 -29.02 21.43
C LEU A 174 -14.24 -29.98 20.31
N ASN A 175 -15.21 -30.50 19.56
CA ASN A 175 -14.84 -31.40 18.48
C ASN A 175 -13.98 -30.68 17.43
N ALA A 176 -14.32 -29.42 17.15
CA ALA A 176 -13.53 -28.63 16.20
C ALA A 176 -12.15 -28.35 16.75
N ALA A 177 -12.04 -27.94 18.00
CA ALA A 177 -10.74 -27.70 18.60
C ALA A 177 -9.85 -28.94 18.53
N THR A 178 -10.42 -30.08 18.87
CA THR A 178 -9.69 -31.34 18.87
C THR A 178 -9.21 -31.68 17.47
N LYS A 179 -10.09 -31.56 16.47
CA LYS A 179 -9.73 -31.88 15.09
C LYS A 179 -8.63 -30.97 14.57
N ILE A 180 -8.75 -29.67 14.83
CA ILE A 180 -7.75 -28.73 14.37
C ILE A 180 -6.42 -28.96 15.05
N PHE A 181 -6.41 -29.11 16.37
CA PHE A 181 -5.16 -29.30 17.08
C PHE A 181 -4.45 -30.58 16.69
N ARG A 182 -5.21 -31.65 16.58
CA ARG A 182 -4.57 -32.95 16.29
C ARG A 182 -3.94 -32.90 14.89
N TRP A 183 -4.62 -32.28 13.92
CA TRP A 183 -4.04 -32.07 12.59
C TRP A 183 -2.77 -31.25 12.69
N GLY A 184 -2.83 -30.14 13.43
CA GLY A 184 -1.68 -29.28 13.58
C GLY A 184 -0.50 -29.97 14.23
N LYS A 185 -0.74 -30.78 15.25
CA LYS A 185 0.35 -31.51 15.89
C LYS A 185 1.03 -32.45 14.88
N THR A 186 0.22 -33.11 14.08
CA THR A 186 0.76 -34.07 13.09
C THR A 186 1.48 -33.38 11.92
N MET A 187 0.86 -32.36 11.35
CA MET A 187 1.38 -31.74 10.14
C MET A 187 2.26 -30.52 10.36
N LEU A 188 2.10 -29.83 11.48
CA LEU A 188 2.82 -28.61 11.72
C LEU A 188 3.72 -28.65 12.93
N THR A 189 4.14 -29.84 13.38
CA THR A 189 5.17 -29.89 14.40
C THR A 189 6.08 -31.06 14.09
N ASP A 190 7.22 -31.08 14.77
CA ASP A 190 8.14 -32.23 14.66
C ASP A 190 7.80 -33.38 15.62
N GLY A 191 6.66 -33.30 16.30
CA GLY A 191 6.28 -34.31 17.28
C GLY A 191 6.93 -34.14 18.64
N ASN A 192 7.87 -33.21 18.75
CA ASN A 192 8.62 -32.99 19.96
C ASN A 192 8.59 -31.52 20.37
N GLY A 193 7.52 -30.83 20.00
CA GLY A 193 7.36 -29.50 20.53
C GLY A 193 7.79 -28.35 19.62
N LYS A 194 8.45 -28.61 18.48
CA LYS A 194 8.80 -27.53 17.57
C LYS A 194 7.65 -27.33 16.61
N VAL A 195 7.07 -26.11 16.64
CA VAL A 195 5.96 -25.78 15.77
C VAL A 195 6.44 -25.14 14.45
N PHE A 196 6.03 -25.77 13.36
CA PHE A 196 6.41 -25.29 12.01
C PHE A 196 5.57 -24.08 11.63
N ASP A 197 6.12 -23.17 10.82
CA ASP A 197 5.36 -22.01 10.39
C ASP A 197 4.16 -22.41 9.54
N ARG A 198 4.35 -23.26 8.54
CA ARG A 198 3.32 -23.55 7.61
C ARG A 198 3.69 -24.70 6.68
N ILE A 199 2.72 -25.16 5.92
CA ILE A 199 2.96 -26.08 4.83
C ILE A 199 2.40 -25.47 3.56
N GLU A 200 3.21 -25.45 2.50
CA GLU A 200 2.86 -24.83 1.23
C GLU A 200 2.56 -25.87 0.18
N ILE A 201 1.58 -25.62 -0.69
CA ILE A 201 1.25 -26.57 -1.75
C ILE A 201 2.43 -26.76 -2.69
N GLU A 202 3.12 -25.67 -3.01
CA GLU A 202 4.23 -25.76 -3.99
C GLU A 202 5.58 -26.07 -3.38
N HIS A 203 5.77 -25.78 -2.10
CA HIS A 203 7.10 -25.91 -1.52
C HIS A 203 7.26 -26.90 -0.36
N GLY A 204 6.14 -27.45 0.13
CA GLY A 204 6.19 -28.37 1.28
C GLY A 204 6.27 -27.63 2.59
N ALA A 205 6.77 -28.32 3.60
CA ALA A 205 6.83 -27.76 4.95
C ALA A 205 7.86 -26.68 5.08
N VAL A 206 7.57 -25.70 5.91
CA VAL A 206 8.52 -24.67 6.24
C VAL A 206 8.70 -24.73 7.76
N PRO A 207 9.71 -25.48 8.26
CA PRO A 207 9.82 -25.74 9.71
C PRO A 207 10.62 -24.68 10.42
N ASP A 208 10.22 -23.43 10.27
CA ASP A 208 10.79 -22.27 10.93
C ASP A 208 9.87 -22.03 12.14
N ALA A 209 10.43 -22.06 13.33
CA ALA A 209 9.65 -21.84 14.55
C ALA A 209 9.79 -20.41 15.04
N THR A 210 8.71 -19.90 15.67
CA THR A 210 8.67 -18.54 16.19
C THR A 210 7.89 -18.49 17.48
N HIS A 211 8.10 -17.42 18.21
CA HIS A 211 7.42 -17.26 19.49
C HIS A 211 5.93 -17.39 19.44
N TYR A 212 5.28 -16.69 18.51
CA TYR A 212 3.81 -16.66 18.59
C TYR A 212 3.18 -17.99 18.24
N ASN A 213 3.83 -18.79 17.39
CA ASN A 213 3.31 -20.09 17.04
C ASN A 213 3.59 -21.11 18.16
N GLN A 214 4.76 -21.02 18.81
CA GLN A 214 4.89 -21.81 20.04
C GLN A 214 3.77 -21.40 21.00
N GLY A 215 3.48 -20.10 21.12
CA GLY A 215 2.48 -19.67 22.10
C GLY A 215 1.09 -20.19 21.85
N THR A 216 0.57 -20.04 20.64
CA THR A 216 -0.79 -20.47 20.41
C THR A 216 -0.92 -22.02 20.43
N TYR A 217 0.13 -22.74 20.04
CA TYR A 217 0.18 -24.18 20.22
C TYR A 217 0.09 -24.54 21.72
N ILE A 218 0.89 -23.88 22.55
CA ILE A 218 0.86 -24.12 24.01
C ILE A 218 -0.51 -23.78 24.58
N GLY A 219 -1.07 -22.64 24.19
CA GLY A 219 -2.35 -22.25 24.73
C GLY A 219 -3.44 -23.20 24.33
N SER A 220 -3.49 -23.63 23.08
CA SER A 220 -4.48 -24.60 22.63
C SER A 220 -4.29 -25.95 23.32
N ALA A 221 -3.04 -26.38 23.51
CA ALA A 221 -2.75 -27.64 24.18
C ALA A 221 -3.20 -27.58 25.65
N VAL A 222 -2.89 -26.50 26.35
CA VAL A 222 -3.37 -26.37 27.74
C VAL A 222 -4.88 -26.34 27.78
N GLY A 223 -5.51 -25.61 26.88
CA GLY A 223 -6.96 -25.57 26.89
C GLY A 223 -7.60 -26.94 26.57
N LEU A 224 -7.02 -27.68 25.62
CA LEU A 224 -7.55 -29.01 25.33
C LEU A 224 -7.36 -29.97 26.50
N TYR A 225 -6.22 -29.88 27.19
CA TYR A 225 -5.98 -30.65 28.39
C TYR A 225 -7.11 -30.44 29.38
N LYS A 226 -7.44 -29.19 29.64
CA LYS A 226 -8.48 -28.87 30.63
C LYS A 226 -9.85 -29.30 30.13
N ALA A 227 -10.15 -29.19 28.84
CA ALA A 227 -11.47 -29.56 28.34
C ALA A 227 -11.70 -31.05 28.21
N THR A 228 -10.63 -31.81 27.98
CA THR A 228 -10.77 -33.24 27.64
C THR A 228 -10.29 -34.15 28.75
N GLY A 229 -9.47 -33.61 29.66
CA GLY A 229 -8.81 -34.43 30.64
C GLY A 229 -7.65 -35.28 30.16
N ASN A 230 -7.30 -35.20 28.89
CA ASN A 230 -6.22 -36.00 28.33
C ASN A 230 -4.90 -35.33 28.58
N ALA A 231 -4.11 -35.93 29.46
CA ALA A 231 -2.83 -35.36 29.86
C ALA A 231 -1.75 -35.32 28.77
N VAL A 232 -1.97 -36.07 27.71
CA VAL A 232 -1.06 -35.98 26.55
C VAL A 232 -1.01 -34.52 26.07
N TYR A 233 -2.14 -33.79 26.15
CA TYR A 233 -2.09 -32.40 25.71
C TYR A 233 -1.24 -31.52 26.60
N LEU A 234 -1.22 -31.79 27.90
CA LEU A 234 -0.34 -31.06 28.77
C LEU A 234 1.11 -31.39 28.43
N ASP A 235 1.40 -32.69 28.17
CA ASP A 235 2.74 -33.03 27.76
C ASP A 235 3.15 -32.28 26.47
N ASP A 236 2.22 -32.17 25.54
CA ASP A 236 2.50 -31.46 24.28
C ASP A 236 2.87 -30.00 24.60
N ALA A 237 2.13 -29.37 25.51
CA ALA A 237 2.46 -28.01 25.91
C ALA A 237 3.83 -27.92 26.56
N VAL A 238 4.15 -28.83 27.49
CA VAL A 238 5.47 -28.83 28.10
C VAL A 238 6.60 -28.97 27.05
N LYS A 239 6.45 -29.91 26.12
CA LYS A 239 7.46 -30.10 25.09
C LYS A 239 7.63 -28.82 24.26
N ALA A 240 6.55 -28.12 23.95
CA ALA A 240 6.68 -26.86 23.18
C ALA A 240 7.29 -25.74 24.02
N ALA A 241 7.03 -25.73 25.33
CA ALA A 241 7.68 -24.74 26.18
C ALA A 241 9.17 -25.00 26.32
N LYS A 242 9.53 -26.29 26.45
CA LYS A 242 10.94 -26.67 26.50
C LYS A 242 11.63 -26.28 25.22
N PHE A 243 11.00 -26.51 24.08
CA PHE A 243 11.59 -26.09 22.81
C PHE A 243 11.84 -24.60 22.79
N THR A 244 10.87 -23.83 23.25
CA THR A 244 11.00 -22.37 23.29
C THR A 244 12.18 -21.92 24.14
N LYS A 245 12.22 -22.44 25.37
CA LYS A 245 13.27 -22.09 26.31
C LYS A 245 14.66 -22.54 25.86
N ASN A 246 14.74 -23.62 25.12
CA ASN A 246 16.04 -24.18 24.69
C ASN A 246 16.52 -23.65 23.34
N HIS A 247 15.60 -23.18 22.49
CA HIS A 247 15.93 -22.89 21.10
C HIS A 247 15.53 -21.56 20.55
N LEU A 248 14.64 -20.85 21.25
CA LEU A 248 14.20 -19.52 20.75
C LEU A 248 14.67 -18.39 21.66
N VAL A 249 15.89 -18.56 22.19
CA VAL A 249 16.51 -17.65 23.14
C VAL A 249 17.94 -17.31 22.68
N ASP A 250 18.48 -16.24 23.23
CA ASP A 250 19.88 -15.87 22.96
C ASP A 250 20.82 -16.69 23.83
N SER A 251 22.11 -16.37 23.79
CA SER A 251 23.10 -17.14 24.53
C SER A 251 22.96 -17.00 26.04
N ASN A 252 22.19 -16.03 26.51
CA ASN A 252 21.97 -15.83 27.95
C ASN A 252 20.58 -16.35 28.40
N GLY A 253 19.86 -17.00 27.49
CA GLY A 253 18.55 -17.52 27.84
C GLY A 253 17.41 -16.51 27.73
N VAL A 254 17.68 -15.29 27.28
CA VAL A 254 16.62 -14.30 27.06
C VAL A 254 15.94 -14.57 25.74
N LEU A 255 14.61 -14.59 25.76
CA LEU A 255 13.85 -14.74 24.52
C LEU A 255 14.37 -13.85 23.40
N ASN A 256 14.47 -14.44 22.20
CA ASN A 256 14.97 -13.72 21.04
C ASN A 256 14.16 -12.47 20.73
N TYR A 257 14.83 -11.50 20.12
CA TYR A 257 14.14 -10.43 19.42
C TYR A 257 13.97 -10.85 17.96
N GLU A 258 12.72 -10.95 17.52
CA GLU A 258 12.45 -11.48 16.21
C GLU A 258 12.28 -10.47 15.07
N GLY A 259 12.53 -9.19 15.32
CA GLY A 259 12.52 -8.28 14.16
C GLY A 259 13.62 -8.63 13.14
N PRO A 260 13.62 -7.99 11.94
CA PRO A 260 12.71 -6.86 11.64
C PRO A 260 11.31 -7.19 11.11
N ASN A 261 11.01 -8.46 10.84
CA ASN A 261 9.67 -8.79 10.36
C ASN A 261 8.61 -8.15 11.29
N GLY A 262 7.69 -7.38 10.74
CA GLY A 262 6.79 -6.60 11.57
C GLY A 262 5.80 -7.45 12.35
N ASP A 263 5.38 -8.54 11.75
CA ASP A 263 4.46 -9.46 12.45
C ASP A 263 5.13 -10.15 13.62
N LEU A 264 6.41 -10.48 13.48
CA LEU A 264 7.13 -11.22 14.53
C LEU A 264 7.68 -10.36 15.65
N LYS A 265 7.91 -9.07 15.41
CA LYS A 265 8.62 -8.22 16.36
C LYS A 265 7.99 -8.26 17.75
N GLY A 266 6.66 -8.33 17.79
CA GLY A 266 5.92 -8.33 19.03
C GLY A 266 5.39 -9.70 19.43
N GLY A 267 5.86 -10.75 18.78
CA GLY A 267 5.35 -12.09 19.06
C GLY A 267 5.52 -12.58 20.47
N LYS A 268 6.53 -12.11 21.20
CA LYS A 268 6.69 -12.42 22.60
C LYS A 268 5.41 -12.11 23.39
N THR A 269 4.63 -11.14 22.94
CA THR A 269 3.36 -10.81 23.60
C THR A 269 2.46 -12.03 23.64
N ILE A 270 2.26 -12.65 22.48
CA ILE A 270 1.40 -13.82 22.40
C ILE A 270 2.04 -15.01 23.14
N LEU A 271 3.35 -15.18 23.01
CA LEU A 271 4.01 -16.24 23.72
C LEU A 271 3.81 -16.08 25.21
N MET A 272 4.10 -14.91 25.77
CA MET A 272 3.98 -14.75 27.22
C MET A 272 2.55 -14.97 27.71
N ARG A 273 1.57 -14.48 26.98
CA ARG A 273 0.18 -14.70 27.35
C ARG A 273 -0.07 -16.20 27.55
N ASN A 274 0.45 -17.01 26.66
CA ASN A 274 0.17 -18.45 26.72
C ASN A 274 1.07 -19.22 27.68
N LEU A 275 2.31 -18.77 27.79
CA LEU A 275 3.17 -19.38 28.83
C LEU A 275 2.61 -19.20 30.22
N ALA A 276 1.90 -18.10 30.45
CA ALA A 276 1.26 -17.86 31.75
C ALA A 276 0.20 -18.93 32.04
N HIS A 277 -0.53 -19.35 31.01
CA HIS A 277 -1.53 -20.44 31.18
C HIS A 277 -0.84 -21.74 31.59
N LEU A 278 0.25 -22.08 30.92
CA LEU A 278 0.97 -23.28 31.26
C LEU A 278 1.57 -23.19 32.67
N GLN A 279 2.14 -22.04 33.02
CA GLN A 279 2.73 -21.84 34.33
C GLN A 279 1.67 -22.06 35.43
N LYS A 280 0.50 -21.47 35.27
CA LYS A 280 -0.55 -21.59 36.29
C LYS A 280 -1.03 -23.02 36.40
N THR A 281 -1.19 -23.71 35.27
CA THR A 281 -1.65 -25.11 35.26
C THR A 281 -0.61 -26.03 35.93
N LEU A 282 0.68 -25.83 35.69
CA LEU A 282 1.68 -26.65 36.37
C LEU A 282 1.71 -26.37 37.86
N ASP A 283 1.59 -25.10 38.25
CA ASP A 283 1.61 -24.74 39.67
C ASP A 283 0.44 -25.39 40.38
N GLU A 284 -0.72 -25.39 39.75
CA GLU A 284 -1.91 -25.96 40.35
C GLU A 284 -1.94 -27.48 40.41
N THR A 285 -1.48 -28.13 39.36
CA THR A 285 -1.60 -29.58 39.29
C THR A 285 -0.43 -30.28 39.97
N GLY A 286 0.68 -29.57 40.15
CA GLY A 286 1.90 -30.18 40.67
C GLY A 286 2.56 -31.13 39.70
N GLN A 287 2.09 -31.14 38.46
CA GLN A 287 2.70 -31.96 37.44
C GLN A 287 4.03 -31.38 36.95
N TYR A 288 4.90 -32.24 36.45
CA TYR A 288 6.23 -31.83 35.92
C TYR A 288 6.98 -30.94 36.91
N PRO A 289 7.17 -31.40 38.16
CA PRO A 289 7.73 -30.43 39.10
C PRO A 289 9.17 -29.95 38.80
N GLU A 290 10.02 -30.79 38.23
CA GLU A 290 11.39 -30.32 37.92
C GLU A 290 11.37 -29.26 36.83
N PHE A 291 10.61 -29.54 35.78
CA PHE A 291 10.47 -28.55 34.73
C PHE A 291 9.75 -27.29 35.25
N SER A 292 8.71 -27.47 36.06
CA SER A 292 7.98 -26.32 36.57
C SER A 292 8.89 -25.36 37.32
N ALA A 293 9.80 -25.88 38.14
CA ALA A 293 10.70 -24.99 38.82
C ALA A 293 11.69 -24.28 37.86
N GLU A 294 12.25 -25.03 36.92
CA GLU A 294 13.14 -24.45 35.90
C GLU A 294 12.43 -23.40 35.06
N PHE A 295 11.20 -23.72 34.64
CA PHE A 295 10.33 -22.82 33.85
C PHE A 295 10.01 -21.55 34.65
N ASP A 296 9.63 -21.66 35.93
CA ASP A 296 9.32 -20.48 36.72
C ASP A 296 10.53 -19.56 36.81
N GLU A 297 11.70 -20.15 37.03
CA GLU A 297 12.94 -19.40 37.16
C GLU A 297 13.30 -18.68 35.82
N TRP A 298 13.18 -19.38 34.71
CA TRP A 298 13.45 -18.83 33.37
C TRP A 298 12.46 -17.71 33.04
N LEU A 299 11.17 -17.90 33.36
CA LEU A 299 10.17 -16.83 33.13
C LEU A 299 10.50 -15.59 33.95
N ALA A 300 10.81 -15.78 35.22
CA ALA A 300 11.12 -14.66 36.09
C ALA A 300 12.34 -13.85 35.63
N PHE A 301 13.37 -14.58 35.21
CA PHE A 301 14.58 -14.02 34.63
C PHE A 301 14.27 -13.15 33.41
N ASN A 302 13.49 -13.72 32.53
CA ASN A 302 13.07 -13.00 31.33
C ASN A 302 12.28 -11.73 31.65
N ILE A 303 11.35 -11.83 32.60
CA ILE A 303 10.54 -10.68 32.98
C ILE A 303 11.42 -9.60 33.64
N GLU A 304 12.33 -10.00 34.53
CA GLU A 304 13.23 -9.01 35.13
C GLU A 304 14.14 -8.32 34.10
N MET A 305 14.66 -9.11 33.15
CA MET A 305 15.44 -8.53 32.07
C MET A 305 14.59 -7.52 31.28
N ALA A 306 13.38 -7.91 30.91
CA ALA A 306 12.47 -7.00 30.17
C ALA A 306 12.25 -5.68 30.95
N TRP A 307 11.86 -5.78 32.22
CA TRP A 307 11.53 -4.58 32.98
C TRP A 307 12.78 -3.70 33.18
N SER A 308 13.95 -4.35 33.33
CA SER A 308 15.22 -3.62 33.47
C SER A 308 15.58 -2.80 32.24
N HIS A 309 14.91 -3.12 31.11
CA HIS A 309 15.18 -2.49 29.83
C HIS A 309 14.27 -1.27 29.54
N ARG A 310 13.47 -0.92 30.53
CA ARG A 310 12.53 0.20 30.38
C ARG A 310 13.24 1.53 30.25
N ASN A 311 12.64 2.42 29.48
CA ASN A 311 13.10 3.78 29.41
C ASN A 311 12.51 4.60 30.56
N SER A 312 12.75 5.91 30.54
CA SER A 312 12.30 6.78 31.62
C SER A 312 10.79 6.98 31.64
N ASP A 313 10.16 6.65 30.53
CA ASP A 313 8.69 6.67 30.43
C ASP A 313 8.04 5.32 30.76
N HIS A 314 8.83 4.35 31.23
CA HIS A 314 8.35 3.04 31.63
C HIS A 314 7.90 2.18 30.45
N ILE A 315 8.45 2.46 29.27
CA ILE A 315 8.20 1.66 28.08
C ILE A 315 9.42 0.76 27.82
N VAL A 316 9.17 -0.49 27.42
CA VAL A 316 10.25 -1.45 27.12
C VAL A 316 10.20 -1.83 25.63
N ASP A 317 11.22 -1.48 24.84
CA ASP A 317 11.33 -1.93 23.44
C ASP A 317 11.47 -3.44 23.40
N GLY A 318 11.12 -4.05 22.29
CA GLY A 318 11.13 -5.49 22.19
C GLY A 318 12.47 -6.17 22.24
N ASN A 319 13.57 -5.44 22.05
CA ASN A 319 14.91 -6.03 22.19
C ASN A 319 15.32 -6.06 23.64
N TRP A 320 14.76 -6.99 24.39
CA TRP A 320 14.90 -6.99 25.83
C TRP A 320 16.35 -7.06 26.32
N ALA A 321 17.19 -7.69 25.50
CA ALA A 321 18.59 -7.94 25.84
C ALA A 321 19.52 -6.78 25.51
N GLY A 322 19.00 -5.78 24.77
CA GLY A 322 19.90 -4.79 24.21
C GLY A 322 20.14 -3.51 24.97
N GLN A 323 20.69 -2.51 24.27
CA GLN A 323 21.05 -1.27 24.91
C GLN A 323 19.81 -0.45 24.87
N LEU A 324 19.62 0.35 25.92
CA LEU A 324 18.51 1.27 25.99
C LEU A 324 18.62 2.27 24.86
N LEU A 325 17.63 2.27 23.98
CA LEU A 325 17.58 3.16 22.82
C LEU A 325 16.67 4.35 23.09
N SER A 326 16.86 5.39 22.30
CA SER A 326 15.99 6.55 22.34
C SER A 326 15.32 6.61 20.98
N GLY A 327 14.44 7.57 20.78
CA GLY A 327 13.79 7.69 19.49
C GLY A 327 12.47 6.93 19.47
N THR A 328 12.08 6.41 18.31
CA THR A 328 10.69 5.97 18.16
C THR A 328 10.54 4.53 18.70
N TYR A 329 9.53 4.33 19.55
CA TYR A 329 9.14 3.02 20.07
C TYR A 329 7.89 2.56 19.37
N GLU A 330 7.76 1.25 19.17
CA GLU A 330 6.60 0.69 18.44
C GLU A 330 5.69 -0.07 19.40
N SER A 331 4.38 0.04 19.21
CA SER A 331 3.43 -0.52 20.16
C SER A 331 3.44 -2.05 20.16
N TRP A 332 3.61 -2.69 19.00
CA TRP A 332 3.62 -4.14 19.03
C TRP A 332 4.87 -4.70 19.74
N SER A 333 6.04 -4.19 19.37
CA SER A 333 7.28 -4.58 20.04
C SER A 333 7.24 -4.33 21.56
N SER A 334 6.67 -3.17 21.94
CA SER A 334 6.66 -2.75 23.33
C SER A 334 5.58 -3.45 24.16
N ALA A 335 4.63 -4.10 23.48
CA ALA A 335 3.54 -4.75 24.20
C ALA A 335 4.03 -5.96 25.00
N ALA A 336 5.12 -6.59 24.55
CA ALA A 336 5.51 -7.88 25.15
C ALA A 336 5.85 -7.77 26.65
N ALA A 337 6.56 -6.72 27.02
CA ALA A 337 6.91 -6.50 28.41
C ALA A 337 5.68 -6.22 29.25
N VAL A 338 4.74 -5.47 28.69
CA VAL A 338 3.50 -5.18 29.41
C VAL A 338 2.78 -6.49 29.68
N GLN A 339 2.70 -7.31 28.65
CA GLN A 339 2.07 -8.63 28.80
C GLN A 339 2.76 -9.45 29.88
N ALA A 340 4.09 -9.50 29.83
CA ALA A 340 4.88 -10.30 30.78
C ALA A 340 4.61 -9.88 32.21
N LEU A 341 4.36 -8.60 32.45
CA LEU A 341 4.14 -8.09 33.81
C LEU A 341 2.67 -8.17 34.24
N ASN A 342 1.79 -8.59 33.34
CA ASN A 342 0.37 -8.77 33.64
C ASN A 342 -0.02 -10.22 33.51
N GLY A 343 0.89 -11.09 33.94
CA GLY A 343 0.68 -12.53 33.93
C GLY A 343 0.84 -13.14 35.31
N SER B 8 -4.13 -9.19 -12.29
CA SER B 8 -3.14 -8.66 -13.22
C SER B 8 -2.21 -9.76 -13.66
N ASP B 9 -1.81 -9.65 -14.92
CA ASP B 9 -0.78 -10.54 -15.45
C ASP B 9 0.53 -10.40 -14.66
N GLY B 10 0.84 -9.20 -14.16
CA GLY B 10 2.03 -9.05 -13.31
C GLY B 10 1.94 -9.89 -12.04
N ASP B 11 0.76 -9.94 -11.45
CA ASP B 11 0.55 -10.81 -10.27
C ASP B 11 0.69 -12.23 -10.61
N THR B 12 0.05 -12.67 -11.68
CA THR B 12 0.14 -14.06 -12.10
C THR B 12 1.59 -14.46 -12.35
N ALA B 13 2.31 -13.60 -13.06
CA ALA B 13 3.69 -13.92 -13.38
C ALA B 13 4.58 -14.01 -12.15
N MET B 14 4.41 -13.07 -11.23
CA MET B 14 5.25 -13.07 -10.03
C MET B 14 4.94 -14.30 -9.15
N LYS B 15 3.65 -14.64 -9.03
CA LYS B 15 3.31 -15.79 -8.20
C LYS B 15 3.87 -17.06 -8.79
N ALA B 16 3.80 -17.19 -10.12
CA ALA B 16 4.31 -18.37 -10.81
C ALA B 16 5.82 -18.47 -10.66
N PHE B 17 6.49 -17.32 -10.75
CA PHE B 17 7.93 -17.27 -10.60
C PHE B 17 8.31 -17.76 -9.20
N ASN B 18 7.62 -17.26 -8.18
CA ASN B 18 7.87 -17.78 -6.83
C ASN B 18 7.54 -19.28 -6.69
N ASP B 19 6.41 -19.70 -7.25
CA ASP B 19 6.04 -21.12 -7.16
C ASP B 19 7.14 -22.01 -7.74
N THR B 20 7.76 -21.58 -8.84
CA THR B 20 8.74 -22.38 -9.55
C THR B 20 10.12 -22.26 -8.96
N PHE B 21 10.50 -21.07 -8.51
CA PHE B 21 11.90 -20.83 -8.20
C PHE B 21 12.22 -20.42 -6.76
N TRP B 22 11.24 -19.98 -5.98
CA TRP B 22 11.54 -19.50 -4.62
C TRP B 22 11.69 -20.66 -3.63
N ASP B 23 12.76 -20.60 -2.84
CA ASP B 23 12.98 -21.57 -1.75
C ASP B 23 12.70 -20.88 -0.44
N PRO B 24 11.53 -21.17 0.17
CA PRO B 24 11.14 -20.46 1.40
C PRO B 24 11.94 -20.91 2.63
N ASN B 25 12.69 -22.00 2.52
CA ASN B 25 13.52 -22.49 3.61
C ASN B 25 14.89 -21.84 3.59
N ALA B 26 15.57 -21.81 2.44
CA ALA B 26 16.83 -21.08 2.38
C ALA B 26 16.65 -19.58 2.21
N LYS B 27 15.44 -19.17 1.83
CA LYS B 27 15.15 -17.75 1.55
C LYS B 27 16.08 -17.22 0.46
N MET B 28 16.16 -18.02 -0.59
CA MET B 28 16.88 -17.66 -1.81
C MET B 28 16.13 -18.25 -2.95
N PHE B 29 16.33 -17.70 -4.14
CA PHE B 29 15.82 -18.34 -5.34
C PHE B 29 16.72 -19.49 -5.80
N TRP B 30 16.13 -20.57 -6.31
CA TRP B 30 16.84 -21.61 -6.98
C TRP B 30 17.34 -21.06 -8.31
N LYS B 31 18.47 -21.60 -8.78
CA LYS B 31 19.02 -21.20 -10.08
C LYS B 31 18.16 -21.72 -11.22
N ASP B 32 17.55 -22.89 -11.06
CA ASP B 32 16.64 -23.41 -12.08
C ASP B 32 15.57 -24.30 -11.49
N SER B 33 14.66 -24.79 -12.32
CA SER B 33 13.47 -25.50 -11.83
C SER B 33 13.75 -26.87 -11.21
N LYS B 34 14.97 -27.37 -11.43
CA LYS B 34 15.44 -28.63 -10.80
C LYS B 34 15.72 -28.48 -9.31
N ARG B 35 15.83 -27.24 -8.82
CA ARG B 35 16.05 -27.01 -7.40
C ARG B 35 17.35 -27.67 -6.90
N GLU B 36 18.46 -27.40 -7.58
CA GLU B 36 19.75 -28.03 -7.25
C GLU B 36 20.79 -27.10 -6.59
N LYS B 37 20.95 -25.89 -7.10
CA LYS B 37 21.86 -24.89 -6.53
C LYS B 37 21.03 -23.62 -6.47
N HIS B 38 21.36 -22.71 -5.56
CA HIS B 38 20.64 -21.45 -5.48
C HIS B 38 21.30 -20.47 -6.43
N GLN B 39 20.61 -19.37 -6.68
CA GLN B 39 21.07 -18.36 -7.62
C GLN B 39 22.43 -17.71 -7.24
N ASP B 40 23.20 -17.32 -8.26
CA ASP B 40 24.46 -16.59 -8.05
C ASP B 40 24.18 -15.29 -7.29
N ALA B 41 25.10 -14.84 -6.44
CA ALA B 41 24.88 -13.69 -5.61
C ALA B 41 24.46 -12.42 -6.35
N TRP B 42 25.14 -12.06 -7.44
CA TRP B 42 24.78 -10.76 -8.02
C TRP B 42 23.39 -10.83 -8.61
N VAL B 43 23.10 -11.97 -9.22
CA VAL B 43 21.79 -12.16 -9.81
C VAL B 43 20.71 -12.16 -8.76
N GLU B 44 21.01 -12.72 -7.60
CA GLU B 44 20.06 -12.71 -6.49
C GLU B 44 19.68 -11.26 -6.09
N ALA B 45 20.63 -10.31 -6.13
CA ALA B 45 20.28 -8.91 -5.91
C ALA B 45 19.27 -8.39 -6.93
N GLU B 46 19.38 -8.84 -8.18
CA GLU B 46 18.47 -8.41 -9.20
C GLU B 46 17.10 -9.06 -9.10
N LEU B 47 17.04 -10.30 -8.60
CA LEU B 47 15.75 -10.94 -8.25
C LEU B 47 15.16 -10.27 -6.99
N TRP B 48 15.99 -9.79 -6.09
CA TRP B 48 15.52 -9.01 -4.95
C TRP B 48 14.82 -7.76 -5.43
N GLU B 49 15.46 -7.01 -6.36
CA GLU B 49 14.81 -5.85 -6.91
C GLU B 49 13.54 -6.21 -7.69
N LEU B 50 13.46 -7.37 -8.33
CA LEU B 50 12.23 -7.81 -8.98
C LEU B 50 11.13 -7.96 -7.94
N VAL B 51 11.43 -8.56 -6.79
CA VAL B 51 10.44 -8.67 -5.72
C VAL B 51 9.97 -7.29 -5.31
N MET B 52 10.88 -6.34 -5.15
CA MET B 52 10.51 -4.96 -4.84
C MET B 52 9.60 -4.34 -5.91
N ASP B 53 9.91 -4.55 -7.19
CA ASP B 53 9.12 -3.97 -8.27
C ASP B 53 7.74 -4.58 -8.30
N ALA B 54 7.61 -5.87 -8.05
CA ALA B 54 6.29 -6.51 -7.99
C ALA B 54 5.52 -6.07 -6.77
N TYR B 55 6.20 -5.92 -5.64
CA TYR B 55 5.58 -5.32 -4.44
C TYR B 55 4.95 -3.96 -4.77
N GLN B 56 5.67 -3.13 -5.53
CA GLN B 56 5.16 -1.78 -5.87
C GLN B 56 4.06 -1.84 -6.88
N HIS B 57 4.07 -2.85 -7.73
CA HIS B 57 3.14 -2.90 -8.84
C HIS B 57 1.79 -3.47 -8.40
N THR B 58 1.78 -4.44 -7.50
CA THR B 58 0.55 -5.15 -7.23
C THR B 58 -0.47 -4.31 -6.46
N SER B 59 -1.73 -4.61 -6.71
CA SER B 59 -2.81 -4.04 -5.88
C SER B 59 -3.54 -5.08 -5.06
N ASP B 60 -3.13 -6.34 -5.18
CA ASP B 60 -3.72 -7.41 -4.41
C ASP B 60 -3.21 -7.42 -2.99
N PRO B 61 -4.10 -7.29 -2.00
CA PRO B 61 -3.54 -7.10 -0.66
C PRO B 61 -2.81 -8.33 -0.12
N ALA B 62 -3.25 -9.51 -0.50
CA ALA B 62 -2.52 -10.69 -0.02
C ALA B 62 -1.12 -10.79 -0.63
N LEU B 63 -1.07 -10.63 -1.94
CA LEU B 63 0.24 -10.68 -2.62
C LEU B 63 1.13 -9.53 -2.15
N LYS B 64 0.56 -8.37 -1.90
CA LYS B 64 1.33 -7.24 -1.44
C LYS B 64 1.99 -7.58 -0.12
N ALA B 65 1.22 -8.18 0.80
CA ALA B 65 1.81 -8.55 2.08
C ALA B 65 2.89 -9.61 1.93
N GLU B 66 2.67 -10.58 1.06
CA GLU B 66 3.65 -11.65 0.86
C GLU B 66 4.95 -11.07 0.29
N LEU B 67 4.83 -10.21 -0.72
CA LEU B 67 6.03 -9.63 -1.32
C LEU B 67 6.75 -8.71 -0.35
N LYS B 68 6.02 -7.98 0.49
CA LYS B 68 6.70 -7.14 1.48
C LYS B 68 7.55 -7.97 2.43
N THR B 69 7.00 -9.10 2.88
CA THR B 69 7.77 -9.98 3.71
C THR B 69 8.99 -10.54 2.97
N GLN B 70 8.80 -10.90 1.70
CA GLN B 70 9.86 -11.46 0.88
C GLN B 70 11.05 -10.50 0.67
N ILE B 71 10.78 -9.19 0.64
CA ILE B 71 11.87 -8.21 0.56
C ILE B 71 12.85 -8.43 1.71
N ASP B 72 12.37 -8.60 2.96
CA ASP B 72 13.29 -8.82 4.07
C ASP B 72 13.87 -10.23 4.04
N ASP B 73 13.06 -11.21 3.63
CA ASP B 73 13.54 -12.58 3.58
C ASP B 73 14.67 -12.79 2.58
N VAL B 74 14.60 -12.17 1.41
CA VAL B 74 15.69 -12.32 0.41
C VAL B 74 17.00 -11.84 1.01
N TYR B 75 16.99 -10.69 1.69
CA TYR B 75 18.20 -10.21 2.35
C TYR B 75 18.70 -11.21 3.40
N ASP B 76 17.79 -11.69 4.25
CA ASP B 76 18.17 -12.59 5.34
C ASP B 76 18.77 -13.88 4.77
N GLY B 77 18.18 -14.39 3.69
CA GLY B 77 18.70 -15.61 3.11
C GLY B 77 20.12 -15.47 2.54
N THR B 78 20.39 -14.32 1.91
CA THR B 78 21.72 -14.05 1.39
C THR B 78 22.74 -13.81 2.51
N VAL B 79 22.35 -13.03 3.51
CA VAL B 79 23.24 -12.79 4.64
C VAL B 79 23.56 -14.07 5.42
N ALA B 80 22.62 -14.99 5.47
CA ALA B 80 22.90 -16.25 6.16
C ALA B 80 24.04 -17.01 5.46
N LYS B 81 24.16 -16.87 4.15
CA LYS B 81 25.22 -17.53 3.40
C LYS B 81 26.50 -16.66 3.31
N TYR B 82 26.37 -15.35 3.13
CA TYR B 82 27.55 -14.50 2.82
C TYR B 82 27.97 -13.59 3.97
N GLY B 83 27.15 -13.51 5.01
CA GLY B 83 27.45 -12.61 6.09
C GLY B 83 26.93 -11.25 5.68
N GLN B 84 27.06 -10.33 6.63
CA GLN B 84 26.63 -8.97 6.51
C GLN B 84 27.71 -8.11 5.81
N ASP B 85 28.97 -8.53 5.93
CA ASP B 85 30.12 -7.80 5.37
C ASP B 85 30.52 -8.42 4.05
N TRP B 86 30.35 -7.66 2.96
CA TRP B 86 30.61 -8.17 1.61
C TRP B 86 31.94 -7.62 1.03
N THR B 87 32.68 -6.91 1.87
CA THR B 87 33.95 -6.30 1.42
C THR B 87 35.08 -7.37 1.25
N ASN B 88 34.79 -8.64 1.58
CA ASN B 88 35.67 -9.78 1.27
C ASN B 88 35.39 -10.43 -0.09
N ASN B 89 34.34 -9.97 -0.78
CA ASN B 89 34.02 -10.48 -2.11
C ASN B 89 34.95 -9.80 -3.13
N PRO B 90 35.66 -10.54 -3.98
CA PRO B 90 36.58 -9.89 -4.92
C PRO B 90 35.89 -9.18 -6.08
N PHE B 91 34.59 -9.43 -6.26
CA PHE B 91 33.84 -8.81 -7.34
C PHE B 91 33.17 -7.49 -6.87
N ASN B 92 33.68 -6.35 -7.37
CA ASN B 92 33.08 -5.07 -6.98
C ASN B 92 31.67 -4.92 -7.48
N ASP B 93 31.39 -5.52 -8.64
CA ASP B 93 30.02 -5.50 -9.15
C ASP B 93 29.06 -6.25 -8.23
N ASP B 94 29.44 -7.45 -7.76
CA ASP B 94 28.57 -8.17 -6.82
C ASP B 94 28.23 -7.28 -5.65
N ILE B 95 29.26 -6.63 -5.11
CA ILE B 95 29.04 -5.73 -3.98
C ILE B 95 28.08 -4.56 -4.28
N MET B 96 28.30 -3.92 -5.42
CA MET B 96 27.51 -2.76 -5.80
C MET B 96 26.05 -3.11 -6.15
N TRP B 97 25.82 -4.27 -6.78
CA TRP B 97 24.44 -4.67 -7.06
C TRP B 97 23.69 -4.84 -5.73
N TRP B 98 24.36 -5.41 -4.70
CA TRP B 98 23.77 -5.52 -3.38
C TRP B 98 23.63 -4.20 -2.66
N ALA B 99 24.57 -3.29 -2.86
CA ALA B 99 24.44 -1.95 -2.30
C ALA B 99 23.24 -1.23 -2.86
N MET B 100 23.05 -1.32 -4.18
CA MET B 100 21.92 -0.69 -4.81
C MET B 100 20.60 -1.32 -4.33
N GLY B 101 20.57 -2.66 -4.30
CA GLY B 101 19.35 -3.31 -3.79
C GLY B 101 19.00 -2.85 -2.37
N SER B 102 20.05 -2.73 -1.56
CA SER B 102 19.90 -2.36 -0.12
C SER B 102 19.39 -0.94 -0.01
N ALA B 103 19.86 -0.02 -0.87
CA ALA B 103 19.33 1.33 -0.83
C ALA B 103 17.82 1.34 -1.14
N ARG B 104 17.40 0.58 -2.15
CA ARG B 104 15.96 0.49 -2.48
C ARG B 104 15.20 -0.14 -1.32
N ALA B 105 15.76 -1.16 -0.69
CA ALA B 105 15.10 -1.77 0.46
C ALA B 105 14.94 -0.79 1.59
N TYR B 106 15.89 0.12 1.76
CA TYR B 106 15.74 1.18 2.78
C TYR B 106 14.58 2.11 2.45
N GLN B 107 14.48 2.50 1.18
CA GLN B 107 13.41 3.37 0.76
C GLN B 107 12.06 2.74 1.01
N ILE B 108 11.97 1.43 0.81
CA ILE B 108 10.69 0.75 0.94
C ILE B 108 10.36 0.45 2.40
N THR B 109 11.32 -0.04 3.18
CA THR B 109 11.04 -0.54 4.54
C THR B 109 11.37 0.43 5.68
N GLY B 110 12.27 1.37 5.42
CA GLY B 110 12.77 2.27 6.45
C GLY B 110 13.64 1.62 7.52
N ASN B 111 14.00 0.37 7.32
CA ASN B 111 14.87 -0.32 8.28
C ASN B 111 16.32 0.11 8.12
N PRO B 112 16.93 0.68 9.17
CA PRO B 112 18.28 1.22 9.14
C PRO B 112 19.35 0.24 8.68
N ARG B 113 19.10 -1.07 8.84
CA ARG B 113 20.12 -2.05 8.45
C ARG B 113 20.43 -1.89 6.95
N TYR B 114 19.43 -1.49 6.20
CA TYR B 114 19.59 -1.37 4.75
C TYR B 114 20.36 -0.12 4.34
N LEU B 115 20.14 0.99 5.02
CA LEU B 115 20.96 2.18 4.77
C LEU B 115 22.41 1.92 5.11
N GLU B 116 22.69 1.26 6.25
CA GLU B 116 24.06 0.93 6.58
C GLU B 116 24.66 -0.01 5.54
N ALA B 117 23.92 -1.03 5.12
CA ALA B 117 24.43 -1.96 4.09
C ALA B 117 24.72 -1.21 2.79
N ALA B 118 23.80 -0.37 2.39
CA ALA B 118 23.99 0.39 1.14
C ALA B 118 25.20 1.33 1.22
N ARG B 119 25.20 2.15 2.25
CA ARG B 119 26.23 3.18 2.38
C ARG B 119 27.62 2.59 2.59
N ASP B 120 27.73 1.60 3.48
CA ASP B 120 29.03 1.06 3.76
C ASP B 120 29.64 0.35 2.55
N HIS B 121 28.81 -0.36 1.79
CA HIS B 121 29.31 -1.06 0.63
C HIS B 121 29.53 -0.16 -0.57
N PHE B 122 28.67 0.83 -0.77
CA PHE B 122 28.96 1.83 -1.79
C PHE B 122 30.30 2.53 -1.46
N ASP B 123 30.46 2.94 -0.19
CA ASP B 123 31.65 3.67 0.18
C ASP B 123 32.89 2.84 -0.02
N PHE B 124 32.86 1.57 0.38
CA PHE B 124 34.04 0.76 0.19
C PHE B 124 34.45 0.75 -1.29
N VAL B 125 33.50 0.46 -2.18
CA VAL B 125 33.83 0.36 -3.59
C VAL B 125 34.21 1.71 -4.21
N TYR B 126 33.39 2.73 -4.01
CA TYR B 126 33.70 4.02 -4.61
C TYR B 126 34.98 4.64 -4.03
N ASP B 127 35.15 4.55 -2.71
CA ASP B 127 36.31 5.19 -2.09
C ASP B 127 37.61 4.45 -2.40
N THR B 128 37.57 3.12 -2.47
CA THR B 128 38.82 2.39 -2.65
C THR B 128 39.10 1.89 -4.05
N GLN B 129 38.04 1.87 -4.88
CA GLN B 129 38.16 1.24 -6.20
C GLN B 129 37.99 2.20 -7.38
N TRP B 130 37.66 3.46 -7.10
CA TRP B 130 37.75 4.49 -8.13
C TRP B 130 39.24 4.77 -8.33
N ASP B 131 39.69 4.87 -9.58
CA ASP B 131 41.11 5.08 -9.88
C ASP B 131 41.27 6.00 -11.09
N GLU B 132 42.29 6.86 -11.03
CA GLU B 132 42.54 7.80 -12.13
C GLU B 132 43.80 7.49 -12.92
N GLU B 133 44.56 6.51 -12.49
CA GLU B 133 45.80 6.14 -13.18
C GLU B 133 45.55 5.46 -14.51
N PHE B 134 44.48 4.64 -14.57
CA PHE B 134 44.11 3.96 -15.79
C PHE B 134 42.83 4.56 -16.35
N ALA B 135 42.85 4.95 -17.62
CA ALA B 135 41.66 5.43 -18.32
C ALA B 135 41.06 6.70 -17.74
N ASN B 136 41.87 7.43 -16.98
CA ASN B 136 41.48 8.74 -16.47
C ASN B 136 40.30 8.76 -15.50
N GLY B 137 40.02 7.64 -14.84
CA GLY B 137 38.88 7.57 -13.93
C GLY B 137 38.27 6.17 -14.03
N GLY B 138 37.16 5.97 -13.33
CA GLY B 138 36.40 4.73 -13.40
C GLY B 138 36.74 3.76 -12.28
N ILE B 139 35.78 2.89 -11.97
CA ILE B 139 35.90 1.87 -10.93
C ILE B 139 36.31 0.55 -11.54
N TRP B 140 37.27 -0.11 -10.89
CA TRP B 140 37.71 -1.45 -11.28
C TRP B 140 36.59 -2.49 -11.14
N TRP B 141 36.61 -3.50 -12.00
CA TRP B 141 35.66 -4.59 -11.89
C TRP B 141 35.88 -5.41 -10.61
N LEU B 142 37.14 -5.72 -10.30
CA LEU B 142 37.49 -6.54 -9.13
C LEU B 142 38.30 -5.72 -8.15
N ASN B 143 38.26 -6.11 -6.87
CA ASN B 143 39.15 -5.51 -5.87
C ASN B 143 40.37 -6.40 -5.58
N SER B 144 40.40 -7.57 -6.16
CA SER B 144 41.54 -8.53 -6.01
C SER B 144 42.65 -8.30 -7.02
N ASP B 145 42.28 -8.06 -8.26
CA ASP B 145 43.23 -7.71 -9.30
C ASP B 145 42.65 -6.54 -10.08
N HIS B 146 43.49 -5.61 -10.50
CA HIS B 146 42.98 -4.42 -11.20
C HIS B 146 43.33 -4.48 -12.66
N ASN B 147 42.45 -5.11 -13.46
CA ASN B 147 42.74 -5.35 -14.88
C ASN B 147 41.77 -4.70 -15.86
N THR B 148 40.56 -4.44 -15.40
CA THR B 148 39.47 -3.97 -16.30
C THR B 148 38.55 -3.03 -15.52
N LYS B 149 37.94 -2.08 -16.24
CA LYS B 149 36.91 -1.21 -15.69
C LYS B 149 35.68 -1.40 -16.56
N ASN B 150 34.55 -1.69 -15.92
CA ASN B 150 33.41 -2.28 -16.65
C ASN B 150 32.12 -1.47 -16.53
N ALA B 151 31.31 -1.50 -17.58
CA ALA B 151 29.99 -0.84 -17.44
C ALA B 151 29.17 -1.44 -16.30
N CYS B 152 29.32 -2.74 -16.07
CA CYS B 152 28.48 -3.44 -15.09
C CYS B 152 28.84 -3.13 -13.64
N ILE B 153 29.94 -2.41 -13.41
CA ILE B 153 30.19 -1.81 -12.08
C ILE B 153 29.94 -0.29 -12.11
N ASN B 154 30.42 0.37 -13.14
CA ASN B 154 30.35 1.82 -13.13
C ASN B 154 28.92 2.40 -13.19
N PHE B 155 28.08 1.95 -14.12
CA PHE B 155 26.74 2.54 -14.15
C PHE B 155 25.89 2.13 -12.96
N PRO B 156 25.94 0.85 -12.50
CA PRO B 156 25.24 0.55 -11.25
C PRO B 156 25.76 1.37 -10.08
N ALA B 157 27.05 1.69 -10.05
CA ALA B 157 27.57 2.56 -8.97
C ALA B 157 26.97 3.95 -9.04
N ALA B 158 26.80 4.50 -10.25
CA ALA B 158 26.13 5.78 -10.36
C ALA B 158 24.68 5.68 -9.90
N GLN B 159 23.98 4.59 -10.24
CA GLN B 159 22.60 4.42 -9.76
C GLN B 159 22.54 4.31 -8.24
N ALA B 160 23.45 3.56 -7.63
CA ALA B 160 23.47 3.41 -6.17
C ALA B 160 23.70 4.76 -5.53
N ALA B 161 24.62 5.56 -6.07
CA ALA B 161 24.88 6.90 -5.56
C ALA B 161 23.66 7.78 -5.66
N LEU B 162 22.88 7.66 -6.73
CA LEU B 162 21.67 8.45 -6.90
C LEU B 162 20.62 8.02 -5.87
N TYR B 163 20.48 6.72 -5.59
CA TYR B 163 19.57 6.30 -4.50
C TYR B 163 20.08 6.84 -3.18
N LEU B 164 21.36 6.78 -2.92
CA LEU B 164 21.87 7.28 -1.62
C LEU B 164 21.69 8.78 -1.51
N TYR B 165 21.78 9.49 -2.61
CA TYR B 165 21.51 10.93 -2.60
C TYR B 165 20.07 11.22 -2.26
N ASP B 166 19.16 10.49 -2.85
CA ASP B 166 17.75 10.66 -2.58
C ASP B 166 17.45 10.37 -1.11
N ILE B 167 18.07 9.33 -0.55
CA ILE B 167 17.80 8.95 0.84
C ILE B 167 18.36 10.00 1.80
N THR B 168 19.62 10.39 1.62
CA THR B 168 20.40 11.17 2.59
C THR B 168 20.43 12.67 2.36
N LYS B 169 20.18 13.10 1.13
CA LYS B 169 20.35 14.49 0.67
C LYS B 169 21.79 14.95 0.81
N ASP B 170 22.73 14.01 0.93
CA ASP B 170 24.12 14.37 1.08
C ASP B 170 24.68 14.58 -0.33
N GLU B 171 25.05 15.82 -0.66
CA GLU B 171 25.58 16.14 -1.99
C GLU B 171 26.80 15.31 -2.38
N HIS B 172 27.53 14.77 -1.41
CA HIS B 172 28.63 13.85 -1.75
C HIS B 172 28.17 12.76 -2.72
N TYR B 173 26.96 12.27 -2.53
CA TYR B 173 26.46 11.17 -3.37
C TYR B 173 26.02 11.64 -4.75
N LEU B 174 25.45 12.84 -4.86
CA LEU B 174 25.21 13.43 -6.18
C LEU B 174 26.52 13.69 -6.93
N ASN B 175 27.53 14.20 -6.23
CA ASN B 175 28.81 14.49 -6.87
C ASN B 175 29.45 13.19 -7.36
N ALA B 176 29.31 12.13 -6.57
CA ALA B 176 29.86 10.84 -7.00
C ALA B 176 29.10 10.34 -8.25
N ALA B 177 27.78 10.35 -8.24
CA ALA B 177 27.02 9.94 -9.42
C ALA B 177 27.41 10.75 -10.66
N THR B 178 27.54 12.06 -10.50
CA THR B 178 27.90 12.93 -11.62
C THR B 178 29.27 12.56 -12.16
N LYS B 179 30.25 12.37 -11.29
CA LYS B 179 31.60 12.03 -11.68
C LYS B 179 31.69 10.68 -12.37
N ILE B 180 31.03 9.68 -11.78
CA ILE B 180 31.07 8.33 -12.35
C ILE B 180 30.39 8.32 -13.72
N PHE B 181 29.22 8.95 -13.84
CA PHE B 181 28.52 8.94 -15.10
C PHE B 181 29.30 9.71 -16.19
N ARG B 182 29.89 10.86 -15.81
CA ARG B 182 30.65 11.62 -16.79
C ARG B 182 31.80 10.81 -17.37
N TRP B 183 32.51 10.14 -16.47
CA TRP B 183 33.57 9.24 -16.92
C TRP B 183 33.08 8.09 -17.82
N GLY B 184 31.98 7.46 -17.39
CA GLY B 184 31.40 6.36 -18.10
C GLY B 184 30.92 6.75 -19.47
N LYS B 185 30.25 7.92 -19.59
CA LYS B 185 29.84 8.35 -20.91
C LYS B 185 31.04 8.53 -21.84
N THR B 186 32.10 9.14 -21.31
CA THR B 186 33.29 9.46 -22.13
C THR B 186 34.06 8.21 -22.52
N MET B 187 34.31 7.30 -21.57
CA MET B 187 35.18 6.15 -21.78
C MET B 187 34.46 4.86 -22.11
N LEU B 188 33.20 4.71 -21.72
CA LEU B 188 32.47 3.46 -21.93
C LEU B 188 31.28 3.61 -22.83
N THR B 189 31.24 4.67 -23.65
CA THR B 189 30.24 4.74 -24.71
C THR B 189 30.83 5.37 -25.95
N ASP B 190 30.11 5.24 -27.05
CA ASP B 190 30.52 5.91 -28.29
C ASP B 190 30.03 7.36 -28.34
N GLY B 191 29.44 7.87 -27.27
CA GLY B 191 28.94 9.26 -27.24
C GLY B 191 27.54 9.40 -27.81
N ASN B 192 27.03 8.34 -28.46
CA ASN B 192 25.71 8.35 -29.13
C ASN B 192 24.79 7.23 -28.64
N GLY B 193 25.04 6.75 -27.43
CA GLY B 193 24.11 5.78 -26.84
C GLY B 193 24.53 4.33 -26.83
N LYS B 194 25.62 3.95 -27.52
CA LYS B 194 26.12 2.58 -27.44
C LYS B 194 27.03 2.43 -26.23
N VAL B 195 26.64 1.57 -25.26
CA VAL B 195 27.42 1.38 -24.05
C VAL B 195 28.40 0.21 -24.22
N PHE B 196 29.69 0.47 -24.03
CA PHE B 196 30.71 -0.54 -24.17
C PHE B 196 30.72 -1.47 -22.97
N ASP B 197 31.15 -2.70 -23.15
CA ASP B 197 31.22 -3.59 -22.01
C ASP B 197 32.25 -3.13 -20.97
N ARG B 198 33.47 -2.82 -21.41
CA ARG B 198 34.58 -2.58 -20.50
C ARG B 198 35.75 -2.06 -21.26
N ILE B 199 36.74 -1.63 -20.50
CA ILE B 199 38.06 -1.28 -21.06
C ILE B 199 39.07 -2.08 -20.23
N GLU B 200 39.96 -2.77 -20.94
CA GLU B 200 40.97 -3.64 -20.32
C GLU B 200 42.36 -3.03 -20.42
N ILE B 201 43.17 -3.20 -19.38
CA ILE B 201 44.54 -2.68 -19.41
C ILE B 201 45.39 -3.32 -20.54
N GLU B 202 45.25 -4.64 -20.71
CA GLU B 202 46.06 -5.36 -21.69
C GLU B 202 45.48 -5.30 -23.09
N HIS B 203 44.17 -5.13 -23.22
CA HIS B 203 43.56 -5.27 -24.53
C HIS B 203 42.80 -4.06 -25.08
N GLY B 204 42.61 -3.03 -24.26
CA GLY B 204 41.87 -1.84 -24.66
C GLY B 204 40.34 -1.98 -24.53
N ALA B 205 39.61 -1.15 -25.26
CA ALA B 205 38.15 -1.15 -25.16
C ALA B 205 37.54 -2.40 -25.77
N VAL B 206 36.46 -2.87 -25.18
CA VAL B 206 35.68 -3.96 -25.69
C VAL B 206 34.27 -3.39 -25.92
N PRO B 207 33.97 -2.91 -27.11
CA PRO B 207 32.73 -2.13 -27.34
C PRO B 207 31.57 -3.00 -27.75
N ASP B 208 31.31 -4.04 -27.00
CA ASP B 208 30.17 -4.88 -27.33
C ASP B 208 29.06 -4.56 -26.33
N ALA B 209 27.89 -4.27 -26.89
CA ALA B 209 26.75 -3.77 -26.14
C ALA B 209 25.82 -4.92 -25.71
N THR B 210 25.20 -4.76 -24.54
CA THR B 210 24.31 -5.78 -23.97
C THR B 210 23.14 -5.08 -23.32
N HIS B 211 22.08 -5.85 -23.14
CA HIS B 211 20.88 -5.30 -22.51
C HIS B 211 21.11 -4.65 -21.16
N TYR B 212 21.83 -5.34 -20.28
CA TYR B 212 21.90 -4.80 -18.91
C TYR B 212 22.73 -3.56 -18.80
N ASN B 213 23.73 -3.41 -19.67
CA ASN B 213 24.53 -2.20 -19.65
C ASN B 213 23.82 -1.00 -20.31
N GLN B 214 23.06 -1.25 -21.36
CA GLN B 214 22.19 -0.19 -21.83
C GLN B 214 21.26 0.21 -20.68
N GLY B 215 20.75 -0.78 -19.93
CA GLY B 215 19.77 -0.54 -18.89
C GLY B 215 20.31 0.33 -17.79
N THR B 216 21.46 -0.01 -17.21
CA THR B 216 21.97 0.79 -16.09
C THR B 216 22.48 2.17 -16.52
N TYR B 217 22.99 2.28 -17.74
CA TYR B 217 23.28 3.60 -18.32
C TYR B 217 22.01 4.47 -18.40
N ILE B 218 20.95 3.90 -18.97
CA ILE B 218 19.67 4.61 -19.05
C ILE B 218 19.16 4.98 -17.66
N GLY B 219 19.19 4.04 -16.71
CA GLY B 219 18.68 4.32 -15.38
C GLY B 219 19.48 5.41 -14.70
N SER B 220 20.81 5.35 -14.80
CA SER B 220 21.64 6.40 -14.20
C SER B 220 21.42 7.76 -14.88
N ALA B 221 21.25 7.77 -16.19
CA ALA B 221 20.96 9.02 -16.91
C ALA B 221 19.63 9.60 -16.48
N VAL B 222 18.58 8.77 -16.40
CA VAL B 222 17.27 9.28 -15.97
C VAL B 222 17.38 9.79 -14.53
N GLY B 223 18.09 9.07 -13.67
CA GLY B 223 18.25 9.51 -12.28
C GLY B 223 18.98 10.84 -12.20
N LEU B 224 20.00 11.04 -13.00
CA LEU B 224 20.72 12.29 -13.02
C LEU B 224 19.85 13.43 -13.57
N TYR B 225 19.04 13.12 -14.59
CA TYR B 225 18.08 14.10 -15.10
C TYR B 225 17.16 14.57 -13.95
N LYS B 226 16.61 13.63 -13.21
CA LYS B 226 15.68 13.96 -12.09
C LYS B 226 16.37 14.74 -10.98
N ALA B 227 17.60 14.40 -10.66
CA ALA B 227 18.33 15.05 -9.58
C ALA B 227 18.81 16.45 -9.94
N THR B 228 19.11 16.69 -11.21
CA THR B 228 19.77 17.92 -11.63
C THR B 228 18.93 18.81 -12.53
N GLY B 229 17.94 18.22 -13.22
CA GLY B 229 17.21 18.93 -14.25
C GLY B 229 17.96 19.16 -15.57
N ASN B 230 19.19 18.65 -15.72
CA ASN B 230 19.98 18.91 -16.91
C ASN B 230 19.52 18.06 -18.10
N ALA B 231 19.03 18.72 -19.14
CA ALA B 231 18.45 18.02 -20.28
C ALA B 231 19.42 17.08 -21.00
N VAL B 232 20.72 17.34 -20.88
CA VAL B 232 21.66 16.45 -21.55
C VAL B 232 21.49 15.02 -21.08
N TYR B 233 21.18 14.81 -19.79
CA TYR B 233 21.03 13.45 -19.25
C TYR B 233 19.84 12.73 -19.85
N LEU B 234 18.73 13.45 -20.08
CA LEU B 234 17.59 12.82 -20.72
C LEU B 234 17.89 12.50 -22.18
N ASP B 235 18.59 13.43 -22.85
CA ASP B 235 19.03 13.16 -24.21
C ASP B 235 19.91 11.91 -24.29
N ASP B 236 20.79 11.76 -23.33
CA ASP B 236 21.66 10.57 -23.24
C ASP B 236 20.81 9.30 -23.09
N ALA B 237 19.80 9.35 -22.22
CA ALA B 237 18.95 8.19 -22.02
C ALA B 237 18.20 7.82 -23.26
N VAL B 238 17.61 8.84 -23.94
CA VAL B 238 16.90 8.57 -25.17
C VAL B 238 17.82 7.93 -26.26
N LYS B 239 19.05 8.45 -26.40
CA LYS B 239 19.96 7.92 -27.40
C LYS B 239 20.31 6.46 -27.06
N ALA B 240 20.46 6.10 -25.77
CA ALA B 240 20.78 4.72 -25.43
C ALA B 240 19.54 3.82 -25.62
N ALA B 241 18.33 4.37 -25.37
CA ALA B 241 17.14 3.57 -25.65
C ALA B 241 16.96 3.32 -27.14
N LYS B 242 17.21 4.35 -27.96
CA LYS B 242 17.18 4.19 -29.41
C LYS B 242 18.21 3.16 -29.90
N PHE B 243 19.40 3.19 -29.32
CA PHE B 243 20.40 2.20 -29.70
C PHE B 243 19.87 0.79 -29.39
N THR B 244 19.26 0.60 -28.19
CA THR B 244 18.73 -0.70 -27.78
C THR B 244 17.70 -1.19 -28.77
N LYS B 245 16.75 -0.32 -29.10
CA LYS B 245 15.68 -0.67 -30.00
C LYS B 245 16.18 -0.93 -31.44
N ASN B 246 17.24 -0.25 -31.83
CA ASN B 246 17.76 -0.39 -33.20
C ASN B 246 18.65 -1.58 -33.37
N HIS B 247 19.28 -2.05 -32.27
CA HIS B 247 20.37 -3.02 -32.40
C HIS B 247 20.25 -4.30 -31.59
N LEU B 248 19.56 -4.25 -30.46
CA LEU B 248 19.60 -5.38 -29.55
C LEU B 248 18.27 -6.14 -29.56
N VAL B 249 17.74 -6.28 -30.76
CA VAL B 249 16.47 -6.93 -31.00
C VAL B 249 16.62 -7.93 -32.11
N ASP B 250 15.74 -8.90 -32.14
CA ASP B 250 15.72 -9.85 -33.25
C ASP B 250 14.99 -9.26 -34.44
N SER B 251 14.75 -10.09 -35.45
CA SER B 251 14.20 -9.53 -36.67
C SER B 251 12.79 -8.94 -36.62
N ASN B 252 12.05 -9.26 -35.55
CA ASN B 252 10.70 -8.73 -35.33
C ASN B 252 10.65 -7.63 -34.30
N GLY B 253 11.81 -7.14 -33.86
CA GLY B 253 11.82 -6.07 -32.87
C GLY B 253 11.69 -6.51 -31.42
N VAL B 254 11.61 -7.82 -31.20
CA VAL B 254 11.57 -8.35 -29.82
C VAL B 254 13.02 -8.36 -29.33
N LEU B 255 13.24 -7.86 -28.13
CA LEU B 255 14.55 -7.94 -27.48
C LEU B 255 15.18 -9.34 -27.61
N ASN B 256 16.48 -9.35 -27.95
CA ASN B 256 17.30 -10.52 -28.15
C ASN B 256 17.41 -11.44 -26.97
N TYR B 257 17.73 -12.70 -27.25
CA TYR B 257 18.20 -13.61 -26.23
C TYR B 257 19.73 -13.65 -26.22
N GLU B 258 20.31 -13.29 -25.08
CA GLU B 258 21.75 -13.18 -24.97
C GLU B 258 22.47 -14.41 -24.41
N GLY B 259 21.76 -15.52 -24.26
CA GLY B 259 22.47 -16.74 -23.87
C GLY B 259 23.49 -17.14 -24.97
N PRO B 260 24.36 -18.12 -24.67
CA PRO B 260 24.34 -18.92 -23.45
C PRO B 260 25.06 -18.33 -22.26
N ASN B 261 25.72 -17.19 -22.40
CA ASN B 261 26.40 -16.62 -21.25
C ASN B 261 25.45 -16.46 -20.05
N GLY B 262 25.80 -17.02 -18.90
CA GLY B 262 24.87 -17.06 -17.80
C GLY B 262 24.58 -15.71 -17.23
N ASP B 263 25.57 -14.82 -17.21
CA ASP B 263 25.28 -13.46 -16.70
C ASP B 263 24.35 -12.65 -17.59
N LEU B 264 24.46 -12.84 -18.89
CA LEU B 264 23.66 -12.09 -19.84
C LEU B 264 22.27 -12.66 -20.07
N LYS B 265 22.06 -13.94 -19.76
CA LYS B 265 20.80 -14.61 -20.14
C LYS B 265 19.55 -13.87 -19.64
N GLY B 266 19.61 -13.34 -18.44
CA GLY B 266 18.50 -12.62 -17.82
C GLY B 266 18.61 -11.10 -17.83
N GLY B 267 19.56 -10.58 -18.64
CA GLY B 267 19.82 -9.14 -18.65
C GLY B 267 18.65 -8.27 -19.05
N LYS B 268 17.73 -8.80 -19.86
CA LYS B 268 16.47 -8.10 -20.16
C LYS B 268 15.74 -7.68 -18.90
N THR B 269 15.91 -8.41 -17.79
CA THR B 269 15.28 -7.99 -16.53
C THR B 269 15.73 -6.58 -16.13
N ILE B 270 17.04 -6.37 -16.12
CA ILE B 270 17.62 -5.08 -15.73
C ILE B 270 17.28 -4.03 -16.77
N LEU B 271 17.28 -4.38 -18.05
CA LEU B 271 16.88 -3.42 -19.07
C LEU B 271 15.45 -2.96 -18.87
N MET B 272 14.53 -3.91 -18.72
CA MET B 272 13.11 -3.54 -18.63
C MET B 272 12.86 -2.68 -17.41
N ARG B 273 13.49 -3.00 -16.29
CA ARG B 273 13.37 -2.18 -15.06
C ARG B 273 13.70 -0.72 -15.36
N ASN B 274 14.78 -0.48 -16.08
CA ASN B 274 15.22 0.86 -16.34
C ASN B 274 14.50 1.55 -17.49
N LEU B 275 14.08 0.80 -18.50
CA LEU B 275 13.26 1.40 -19.54
C LEU B 275 11.97 1.91 -18.95
N ALA B 276 11.40 1.26 -17.94
CA ALA B 276 10.19 1.79 -17.30
C ALA B 276 10.44 3.17 -16.67
N HIS B 277 11.61 3.41 -16.10
CA HIS B 277 11.93 4.72 -15.61
C HIS B 277 11.94 5.77 -16.73
N LEU B 278 12.58 5.44 -17.84
CA LEU B 278 12.62 6.38 -18.95
C LEU B 278 11.19 6.64 -19.44
N GLN B 279 10.38 5.59 -19.56
CA GLN B 279 8.98 5.76 -20.01
C GLN B 279 8.22 6.73 -19.12
N LYS B 280 8.32 6.60 -17.82
CA LYS B 280 7.60 7.50 -16.93
C LYS B 280 8.08 8.94 -17.08
N THR B 281 9.39 9.16 -17.21
CA THR B 281 9.91 10.50 -17.35
C THR B 281 9.50 11.13 -18.68
N LEU B 282 9.55 10.37 -19.76
CA LEU B 282 9.11 10.94 -21.05
C LEU B 282 7.61 11.26 -20.99
N ASP B 283 6.83 10.40 -20.36
CA ASP B 283 5.36 10.61 -20.25
C ASP B 283 5.06 11.87 -19.45
N GLU B 284 5.68 12.03 -18.30
CA GLU B 284 5.37 13.15 -17.43
C GLU B 284 5.93 14.47 -17.94
N THR B 285 7.11 14.46 -18.57
CA THR B 285 7.71 15.72 -19.03
C THR B 285 7.11 16.11 -20.39
N GLY B 286 6.56 15.14 -21.14
CA GLY B 286 6.10 15.38 -22.48
C GLY B 286 7.22 15.64 -23.49
N GLN B 287 8.48 15.43 -23.11
CA GLN B 287 9.65 15.61 -23.99
C GLN B 287 9.82 14.43 -24.94
N TYR B 288 10.48 14.64 -26.06
CA TYR B 288 10.67 13.62 -27.09
C TYR B 288 9.36 12.91 -27.40
N PRO B 289 8.29 13.65 -27.74
CA PRO B 289 7.01 12.95 -27.90
C PRO B 289 6.96 11.97 -29.06
N GLU B 290 7.65 12.23 -30.17
CA GLU B 290 7.65 11.23 -31.25
C GLU B 290 8.34 9.92 -30.80
N PHE B 291 9.48 10.06 -30.13
CA PHE B 291 10.14 8.86 -29.66
C PHE B 291 9.31 8.17 -28.60
N SER B 292 8.73 8.93 -27.69
CA SER B 292 7.92 8.34 -26.60
C SER B 292 6.82 7.47 -27.17
N ALA B 293 6.13 7.94 -28.21
CA ALA B 293 5.10 7.08 -28.79
C ALA B 293 5.65 5.81 -29.46
N GLU B 294 6.75 5.90 -30.22
CA GLU B 294 7.35 4.72 -30.82
C GLU B 294 7.85 3.75 -29.73
N PHE B 295 8.47 4.31 -28.71
CA PHE B 295 9.05 3.55 -27.59
C PHE B 295 7.93 2.82 -26.83
N ASP B 296 6.83 3.52 -26.52
CA ASP B 296 5.71 2.89 -25.82
C ASP B 296 5.12 1.76 -26.61
N GLU B 297 4.97 2.00 -27.92
CA GLU B 297 4.43 0.94 -28.76
C GLU B 297 5.30 -0.30 -28.83
N TRP B 298 6.61 -0.05 -28.96
CA TRP B 298 7.61 -1.13 -28.99
C TRP B 298 7.68 -1.91 -27.66
N LEU B 299 7.67 -1.17 -26.56
CA LEU B 299 7.68 -1.83 -25.23
C LEU B 299 6.43 -2.66 -25.02
N ALA B 300 5.25 -2.12 -25.36
CA ALA B 300 4.04 -2.89 -25.18
C ALA B 300 4.04 -4.15 -26.02
N PHE B 301 4.50 -4.05 -27.26
CA PHE B 301 4.62 -5.21 -28.12
C PHE B 301 5.55 -6.27 -27.48
N ASN B 302 6.70 -5.82 -26.99
CA ASN B 302 7.62 -6.75 -26.33
C ASN B 302 6.99 -7.46 -25.13
N ILE B 303 6.28 -6.72 -24.31
CA ILE B 303 5.64 -7.28 -23.12
C ILE B 303 4.59 -8.32 -23.54
N GLU B 304 3.78 -7.93 -24.52
CA GLU B 304 2.79 -8.87 -25.02
C GLU B 304 3.37 -10.12 -25.61
N MET B 305 4.44 -9.95 -26.39
CA MET B 305 5.08 -11.10 -27.00
C MET B 305 5.69 -12.02 -25.95
N ALA B 306 6.38 -11.44 -24.96
CA ALA B 306 6.95 -12.24 -23.88
C ALA B 306 5.88 -13.08 -23.15
N TRP B 307 4.79 -12.43 -22.74
CA TRP B 307 3.76 -13.15 -22.00
C TRP B 307 3.06 -14.22 -22.85
N SER B 308 2.91 -13.94 -24.13
CA SER B 308 2.31 -14.91 -25.06
C SER B 308 3.12 -16.20 -25.14
N HIS B 309 4.38 -16.17 -24.74
CA HIS B 309 5.21 -17.37 -24.79
C HIS B 309 5.28 -18.16 -23.49
N ARG B 310 4.41 -17.80 -22.54
CA ARG B 310 4.38 -18.50 -21.25
C ARG B 310 4.01 -19.95 -21.45
N ASN B 311 4.53 -20.79 -20.57
CA ASN B 311 4.14 -22.19 -20.55
C ASN B 311 2.89 -22.38 -19.69
N SER B 312 2.51 -23.64 -19.49
CA SER B 312 1.27 -23.92 -18.76
C SER B 312 1.41 -23.59 -17.28
N ASP B 313 2.65 -23.44 -16.80
CA ASP B 313 2.88 -22.99 -15.42
C ASP B 313 3.04 -21.44 -15.32
N HIS B 314 2.79 -20.72 -16.41
CA HIS B 314 2.85 -19.25 -16.43
C HIS B 314 4.28 -18.70 -16.27
N ILE B 315 5.25 -19.51 -16.69
CA ILE B 315 6.67 -19.14 -16.71
C ILE B 315 7.08 -18.86 -18.16
N VAL B 316 7.87 -17.82 -18.34
CA VAL B 316 8.33 -17.45 -19.68
C VAL B 316 9.84 -17.59 -19.75
N ASP B 317 10.33 -18.52 -20.56
CA ASP B 317 11.75 -18.62 -20.80
C ASP B 317 12.29 -17.35 -21.42
N GLY B 318 13.57 -17.06 -21.19
CA GLY B 318 14.17 -15.83 -21.68
C GLY B 318 14.34 -15.71 -23.18
N ASN B 319 14.24 -16.82 -23.92
CA ASN B 319 14.28 -16.74 -25.38
C ASN B 319 12.87 -16.42 -25.82
N TRP B 320 12.49 -15.14 -25.74
CA TRP B 320 11.14 -14.65 -26.02
C TRP B 320 10.70 -14.92 -27.46
N ALA B 321 11.61 -15.26 -28.35
CA ALA B 321 11.21 -15.49 -29.74
C ALA B 321 10.52 -16.85 -29.85
N THR B 328 14.38 -27.60 -18.91
CA THR B 328 14.57 -26.94 -17.62
C THR B 328 14.49 -25.43 -17.79
N TYR B 329 13.69 -24.79 -16.94
CA TYR B 329 13.58 -23.32 -16.90
C TYR B 329 14.51 -22.76 -15.83
N GLU B 330 15.07 -21.59 -16.10
CA GLU B 330 16.05 -20.98 -15.22
C GLU B 330 15.54 -19.68 -14.66
N SER B 331 15.84 -19.40 -13.39
CA SER B 331 15.25 -18.23 -12.76
C SER B 331 15.74 -16.89 -13.36
N TRP B 332 17.02 -16.79 -13.71
CA TRP B 332 17.46 -15.49 -14.26
C TRP B 332 16.86 -15.21 -15.65
N SER B 333 16.94 -16.20 -16.54
CA SER B 333 16.31 -16.07 -17.85
C SER B 333 14.81 -15.76 -17.76
N SER B 334 14.11 -16.44 -16.83
CA SER B 334 12.67 -16.32 -16.71
C SER B 334 12.21 -15.08 -16.00
N ALA B 335 13.13 -14.40 -15.30
CA ALA B 335 12.74 -13.23 -14.55
C ALA B 335 12.32 -12.07 -15.47
N ALA B 336 12.86 -12.05 -16.70
CA ALA B 336 12.70 -10.85 -17.51
C ALA B 336 11.22 -10.59 -17.84
N ALA B 337 10.50 -11.67 -18.16
CA ALA B 337 9.07 -11.50 -18.45
C ALA B 337 8.29 -11.02 -17.23
N VAL B 338 8.65 -11.52 -16.05
CA VAL B 338 8.00 -11.06 -14.81
C VAL B 338 8.27 -9.58 -14.57
N GLN B 339 9.53 -9.16 -14.78
CA GLN B 339 9.84 -7.76 -14.70
C GLN B 339 9.02 -6.92 -15.69
N ALA B 340 8.94 -7.40 -16.93
CA ALA B 340 8.24 -6.71 -18.03
C ALA B 340 6.78 -6.42 -17.64
N LEU B 341 6.17 -7.35 -16.92
CA LEU B 341 4.74 -7.29 -16.56
C LEU B 341 4.48 -6.56 -15.27
N ASN B 342 5.52 -6.12 -14.60
CA ASN B 342 5.45 -5.37 -13.38
C ASN B 342 6.09 -4.01 -13.55
N GLY B 343 5.87 -3.43 -14.73
CA GLY B 343 6.41 -2.12 -15.10
C GLY B 343 5.25 -1.19 -15.39
N PRO C 1 -13.15 10.89 11.59
CA PRO C 1 -14.32 11.62 11.06
C PRO C 1 -14.66 12.84 11.91
N LEU C 2 -15.16 13.89 11.29
CA LEU C 2 -15.43 15.07 12.09
C LEU C 2 -16.77 14.98 12.80
N GLY C 3 -17.56 13.97 12.43
CA GLY C 3 -18.84 13.73 13.07
C GLY C 3 -18.92 12.37 13.73
N ALA C 4 -20.14 11.96 14.06
CA ALA C 4 -20.45 10.75 14.80
C ALA C 4 -20.55 9.53 13.87
N TYR C 5 -20.60 9.75 12.55
CA TYR C 5 -20.58 8.63 11.56
C TYR C 5 -19.15 8.03 11.60
N THR C 6 -18.98 6.87 10.99
CA THR C 6 -17.69 6.19 11.05
C THR C 6 -17.06 6.12 9.67
N ALA C 7 -15.76 5.85 9.60
CA ALA C 7 -15.11 5.60 8.33
C ALA C 7 -15.76 4.44 7.60
N SER C 8 -16.09 3.37 8.30
CA SER C 8 -16.70 2.19 7.72
C SER C 8 -18.07 2.46 7.07
N ASP C 9 -18.78 3.50 7.52
CA ASP C 9 -20.04 3.87 6.87
C ASP C 9 -19.81 4.23 5.40
N GLY C 10 -18.63 4.80 5.10
CA GLY C 10 -18.28 5.04 3.70
C GLY C 10 -18.20 3.78 2.88
N ASP C 11 -17.70 2.71 3.49
CA ASP C 11 -17.66 1.41 2.80
C ASP C 11 -19.07 0.88 2.56
N THR C 12 -19.90 0.94 3.61
CA THR C 12 -21.25 0.47 3.47
C THR C 12 -22.00 1.23 2.39
N ALA C 13 -21.80 2.55 2.39
CA ALA C 13 -22.48 3.41 1.39
C ALA C 13 -22.00 3.11 -0.05
N MET C 14 -20.68 2.94 -0.24
CA MET C 14 -20.15 2.66 -1.57
C MET C 14 -20.58 1.29 -2.07
N LYS C 15 -20.51 0.29 -1.20
CA LYS C 15 -20.93 -1.04 -1.64
C LYS C 15 -22.39 -1.07 -2.01
N ALA C 16 -23.21 -0.39 -1.21
CA ALA C 16 -24.62 -0.33 -1.52
C ALA C 16 -24.90 0.39 -2.85
N PHE C 17 -24.17 1.48 -3.08
CA PHE C 17 -24.29 2.24 -4.31
C PHE C 17 -23.96 1.38 -5.56
N ASN C 18 -22.86 0.64 -5.47
CA ASN C 18 -22.51 -0.32 -6.52
C ASN C 18 -23.57 -1.43 -6.68
N ASP C 19 -24.01 -2.01 -5.55
CA ASP C 19 -25.01 -3.07 -5.64
C ASP C 19 -26.29 -2.57 -6.33
N THR C 20 -26.67 -1.33 -6.08
CA THR C 20 -27.92 -0.80 -6.66
C THR C 20 -27.78 -0.30 -8.10
N PHE C 21 -26.63 0.31 -8.41
CA PHE C 21 -26.50 1.08 -9.65
C PHE C 21 -25.40 0.64 -10.62
N TRP C 22 -24.42 -0.15 -10.18
CA TRP C 22 -23.31 -0.52 -11.10
C TRP C 22 -23.77 -1.62 -12.06
N ASP C 23 -23.46 -1.42 -13.34
CA ASP C 23 -23.68 -2.46 -14.35
C ASP C 23 -22.32 -3.06 -14.73
N PRO C 24 -22.01 -4.26 -14.24
CA PRO C 24 -20.68 -4.83 -14.51
C PRO C 24 -20.52 -5.32 -15.95
N ASN C 25 -21.61 -5.41 -16.68
CA ASN C 25 -21.49 -5.85 -18.06
C ASN C 25 -21.13 -4.71 -18.98
N ALA C 26 -21.86 -3.60 -18.90
CA ALA C 26 -21.53 -2.40 -19.67
C ALA C 26 -20.38 -1.58 -19.06
N LYS C 27 -20.05 -1.89 -17.79
CA LYS C 27 -19.04 -1.12 -17.06
C LYS C 27 -19.40 0.35 -17.02
N MET C 28 -20.66 0.58 -16.65
CA MET C 28 -21.23 1.91 -16.46
C MET C 28 -22.26 1.87 -15.32
N PHE C 29 -22.47 3.01 -14.69
CA PHE C 29 -23.61 3.09 -13.77
C PHE C 29 -24.95 3.28 -14.49
N TRP C 30 -25.98 2.63 -13.94
CA TRP C 30 -27.35 2.89 -14.34
C TRP C 30 -27.78 4.26 -13.83
N LYS C 31 -28.69 4.91 -14.56
CA LYS C 31 -29.20 6.20 -14.13
C LYS C 31 -30.12 6.10 -12.91
N ASP C 32 -30.83 4.99 -12.79
CA ASP C 32 -31.72 4.80 -11.63
C ASP C 32 -31.91 3.34 -11.27
N SER C 33 -32.67 3.06 -10.22
CA SER C 33 -32.74 1.69 -9.71
C SER C 33 -33.46 0.68 -10.62
N LYS C 34 -34.17 1.19 -11.64
CA LYS C 34 -34.84 0.35 -12.62
C LYS C 34 -33.84 -0.35 -13.56
N ARG C 35 -32.59 0.15 -13.59
CA ARG C 35 -31.54 -0.48 -14.40
C ARG C 35 -31.96 -0.54 -15.87
N GLU C 36 -32.40 0.61 -16.39
CA GLU C 36 -32.92 0.70 -17.77
C GLU C 36 -32.02 1.44 -18.76
N LYS C 37 -31.47 2.57 -18.36
CA LYS C 37 -30.54 3.34 -19.19
C LYS C 37 -29.35 3.74 -18.33
N HIS C 38 -28.19 3.93 -18.96
CA HIS C 38 -26.98 4.26 -18.22
C HIS C 38 -26.85 5.75 -18.01
N GLN C 39 -25.98 6.11 -17.06
CA GLN C 39 -25.81 7.49 -16.65
C GLN C 39 -25.28 8.38 -17.80
N ASP C 40 -25.65 9.63 -17.75
CA ASP C 40 -25.15 10.63 -18.70
C ASP C 40 -23.63 10.70 -18.62
N ALA C 41 -22.94 10.97 -19.74
CA ALA C 41 -21.49 10.96 -19.75
C ALA C 41 -20.81 11.85 -18.70
N TRP C 42 -21.23 13.10 -18.57
CA TRP C 42 -20.51 13.95 -17.63
C TRP C 42 -20.69 13.48 -16.21
N VAL C 43 -21.90 13.04 -15.87
CA VAL C 43 -22.16 12.56 -14.51
C VAL C 43 -21.36 11.29 -14.27
N GLU C 44 -21.22 10.46 -15.30
CA GLU C 44 -20.40 9.25 -15.18
C GLU C 44 -18.96 9.59 -14.78
N ALA C 45 -18.40 10.68 -15.30
CA ALA C 45 -17.05 11.11 -14.87
C ALA C 45 -17.06 11.43 -13.39
N GLU C 46 -18.17 11.98 -12.87
CA GLU C 46 -18.24 12.31 -11.46
C GLU C 46 -18.44 11.09 -10.58
N LEU C 47 -19.15 10.09 -11.06
CA LEU C 47 -19.21 8.81 -10.37
C LEU C 47 -17.87 8.09 -10.45
N TRP C 48 -17.10 8.29 -11.52
CA TRP C 48 -15.76 7.76 -11.60
C TRP C 48 -14.90 8.32 -10.50
N GLU C 49 -14.94 9.64 -10.31
CA GLU C 49 -14.25 10.26 -9.20
C GLU C 49 -14.77 9.80 -7.84
N LEU C 50 -16.07 9.51 -7.69
CA LEU C 50 -16.57 8.94 -6.45
C LEU C 50 -15.89 7.60 -6.17
N VAL C 51 -15.77 6.75 -7.18
CA VAL C 51 -15.05 5.48 -6.97
C VAL C 51 -13.63 5.75 -6.50
N MET C 52 -12.95 6.72 -7.12
CA MET C 52 -11.59 7.08 -6.69
C MET C 52 -11.55 7.56 -5.26
N ASP C 53 -12.51 8.39 -4.85
CA ASP C 53 -12.54 8.91 -3.50
C ASP C 53 -12.81 7.80 -2.50
N ALA C 54 -13.64 6.82 -2.86
CA ALA C 54 -13.87 5.68 -1.97
C ALA C 54 -12.61 4.83 -1.88
N TYR C 55 -11.93 4.61 -3.01
CA TYR C 55 -10.63 3.94 -3.01
C TYR C 55 -9.65 4.61 -2.05
N GLN C 56 -9.55 5.95 -2.07
CA GLN C 56 -8.60 6.67 -1.22
C GLN C 56 -9.03 6.68 0.24
N HIS C 57 -10.32 6.54 0.50
CA HIS C 57 -10.86 6.62 1.86
C HIS C 57 -10.85 5.29 2.63
N THR C 58 -11.11 4.21 1.93
CA THR C 58 -11.38 2.93 2.61
C THR C 58 -10.18 2.34 3.28
N SER C 59 -10.45 1.63 4.36
CA SER C 59 -9.44 0.77 5.02
C SER C 59 -9.75 -0.71 4.87
N ASP C 60 -10.82 -1.04 4.16
CA ASP C 60 -11.19 -2.43 3.88
C ASP C 60 -10.29 -2.94 2.76
N PRO C 61 -9.44 -3.94 3.04
CA PRO C 61 -8.47 -4.27 1.99
C PRO C 61 -9.08 -4.92 0.74
N ALA C 62 -10.11 -5.74 0.87
CA ALA C 62 -10.76 -6.34 -0.28
C ALA C 62 -11.52 -5.31 -1.12
N LEU C 63 -12.27 -4.43 -0.45
CA LEU C 63 -13.00 -3.37 -1.12
C LEU C 63 -12.02 -2.46 -1.83
N LYS C 64 -10.89 -2.15 -1.20
CA LYS C 64 -9.93 -1.25 -1.83
C LYS C 64 -9.44 -1.80 -3.16
N ALA C 65 -9.10 -3.08 -3.19
CA ALA C 65 -8.65 -3.70 -4.43
C ALA C 65 -9.74 -3.76 -5.48
N GLU C 66 -10.98 -4.04 -5.07
CA GLU C 66 -12.11 -4.03 -6.00
C GLU C 66 -12.36 -2.63 -6.60
N LEU C 67 -12.28 -1.61 -5.75
CA LEU C 67 -12.44 -0.23 -6.22
C LEU C 67 -11.33 0.18 -7.19
N LYS C 68 -10.12 -0.29 -6.92
CA LYS C 68 -9.03 0.06 -7.84
C LYS C 68 -9.28 -0.54 -9.24
N THR C 69 -9.75 -1.77 -9.30
CA THR C 69 -10.13 -2.35 -10.58
C THR C 69 -11.29 -1.58 -11.19
N GLN C 70 -12.27 -1.16 -10.35
CA GLN C 70 -13.40 -0.43 -10.89
C GLN C 70 -12.98 0.91 -11.51
N ILE C 71 -11.91 1.53 -11.01
CA ILE C 71 -11.38 2.75 -11.67
C ILE C 71 -11.11 2.46 -13.15
N ASP C 72 -10.47 1.32 -13.45
CA ASP C 72 -10.17 1.02 -14.84
C ASP C 72 -11.42 0.63 -15.59
N ASP C 73 -12.34 -0.12 -14.93
CA ASP C 73 -13.54 -0.56 -15.61
C ASP C 73 -14.42 0.62 -16.02
N VAL C 74 -14.57 1.64 -15.14
CA VAL C 74 -15.40 2.81 -15.51
C VAL C 74 -14.85 3.48 -16.78
N TYR C 75 -13.54 3.64 -16.84
CA TYR C 75 -12.94 4.22 -18.05
C TYR C 75 -13.23 3.32 -19.25
N ASP C 76 -13.00 2.02 -19.11
CA ASP C 76 -13.18 1.10 -20.22
C ASP C 76 -14.61 1.09 -20.74
N GLY C 77 -15.60 1.16 -19.84
CA GLY C 77 -16.98 1.16 -20.28
C GLY C 77 -17.36 2.39 -21.09
N THR C 78 -16.82 3.52 -20.68
CA THR C 78 -17.06 4.77 -21.44
C THR C 78 -16.30 4.82 -22.75
N VAL C 79 -15.06 4.39 -22.76
CA VAL C 79 -14.27 4.33 -23.98
C VAL C 79 -14.89 3.34 -24.99
N ALA C 80 -15.59 2.33 -24.50
CA ALA C 80 -16.23 1.38 -25.41
C ALA C 80 -17.28 2.11 -26.27
N LYS C 81 -17.86 3.16 -25.71
CA LYS C 81 -18.88 3.93 -26.43
C LYS C 81 -18.34 5.15 -27.15
N TYR C 82 -17.44 5.88 -26.51
CA TYR C 82 -17.03 7.19 -27.02
C TYR C 82 -15.66 7.18 -27.67
N GLY C 83 -14.96 6.06 -27.57
CA GLY C 83 -13.63 6.02 -28.11
C GLY C 83 -12.62 6.62 -27.15
N GLN C 84 -11.37 6.62 -27.57
CA GLN C 84 -10.23 7.09 -26.81
C GLN C 84 -10.10 8.63 -26.95
N ASP C 85 -10.58 9.16 -28.07
CA ASP C 85 -10.50 10.60 -28.39
C ASP C 85 -11.89 11.21 -28.25
N TRP C 86 -12.04 12.17 -27.33
CA TRP C 86 -13.35 12.77 -27.02
C TRP C 86 -13.52 14.16 -27.61
N THR C 87 -12.58 14.54 -28.47
CA THR C 87 -12.60 15.90 -28.98
C THR C 87 -13.67 16.09 -30.02
N ASN C 88 -14.35 15.02 -30.38
CA ASN C 88 -15.47 15.13 -31.27
C ASN C 88 -16.78 15.41 -30.51
N ASN C 89 -16.72 15.41 -29.18
CA ASN C 89 -17.89 15.75 -28.38
C ASN C 89 -18.09 17.25 -28.36
N PRO C 90 -19.28 17.74 -28.69
CA PRO C 90 -19.45 19.21 -28.76
C PRO C 90 -19.49 19.91 -27.41
N PHE C 91 -19.61 19.15 -26.31
CA PHE C 91 -19.69 19.70 -24.97
C PHE C 91 -18.29 19.77 -24.36
N ASN C 92 -17.75 20.99 -24.26
CA ASN C 92 -16.43 21.13 -23.66
C ASN C 92 -16.43 20.74 -22.19
N ASP C 93 -17.54 20.95 -21.51
CA ASP C 93 -17.61 20.48 -20.13
C ASP C 93 -17.52 18.95 -20.01
N ASP C 94 -18.28 18.22 -20.81
CA ASP C 94 -18.15 16.76 -20.81
C ASP C 94 -16.70 16.34 -20.97
N ILE C 95 -16.02 16.96 -21.94
CA ILE C 95 -14.61 16.65 -22.18
C ILE C 95 -13.75 16.93 -20.95
N MET C 96 -13.95 18.09 -20.34
CA MET C 96 -13.12 18.51 -19.22
C MET C 96 -13.41 17.70 -17.96
N TRP C 97 -14.69 17.33 -17.69
CA TRP C 97 -14.93 16.47 -16.53
C TRP C 97 -14.19 15.13 -16.68
N TRP C 98 -14.15 14.58 -17.89
CA TRP C 98 -13.38 13.37 -18.16
C TRP C 98 -11.87 13.60 -18.10
N ALA C 99 -11.40 14.77 -18.55
CA ALA C 99 -9.95 15.06 -18.45
C ALA C 99 -9.50 15.16 -17.03
N MET C 100 -10.30 15.82 -16.19
CA MET C 100 -10.00 15.90 -14.78
C MET C 100 -10.04 14.50 -14.11
N GLY C 101 -11.08 13.70 -14.40
CA GLY C 101 -11.12 12.34 -13.86
C GLY C 101 -9.87 11.58 -14.29
N SER C 102 -9.47 11.73 -15.54
CA SER C 102 -8.29 11.00 -16.04
C SER C 102 -7.00 11.42 -15.34
N ALA C 103 -6.83 12.70 -15.05
CA ALA C 103 -5.64 13.12 -14.33
C ALA C 103 -5.59 12.47 -12.97
N ARG C 104 -6.73 12.43 -12.29
CA ARG C 104 -6.79 11.76 -10.98
C ARG C 104 -6.51 10.26 -11.10
N ALA C 105 -7.05 9.64 -12.14
CA ALA C 105 -6.82 8.22 -12.34
C ALA C 105 -5.34 7.95 -12.55
N TYR C 106 -4.65 8.85 -13.24
CA TYR C 106 -3.20 8.71 -13.37
C TYR C 106 -2.48 8.81 -12.05
N GLN C 107 -2.86 9.77 -11.22
CA GLN C 107 -2.25 9.92 -9.91
C GLN C 107 -2.42 8.65 -9.08
N ILE C 108 -3.57 7.99 -9.22
CA ILE C 108 -3.87 6.79 -8.42
C ILE C 108 -3.22 5.52 -8.96
N THR C 109 -3.29 5.34 -10.26
CA THR C 109 -2.90 4.06 -10.86
C THR C 109 -1.51 4.08 -11.51
N GLY C 110 -1.05 5.27 -11.91
CA GLY C 110 0.21 5.37 -12.67
C GLY C 110 0.08 4.87 -14.11
N ASN C 111 -1.12 4.53 -14.58
CA ASN C 111 -1.28 4.01 -15.94
C ASN C 111 -1.16 5.18 -16.96
N PRO C 112 -0.15 5.13 -17.84
CA PRO C 112 0.07 6.27 -18.73
C PRO C 112 -1.11 6.63 -19.61
N ARG C 113 -2.01 5.70 -19.92
CA ARG C 113 -3.15 6.05 -20.76
C ARG C 113 -3.97 7.16 -20.16
N TYR C 114 -3.99 7.25 -18.84
CA TYR C 114 -4.79 8.28 -18.19
C TYR C 114 -4.16 9.64 -18.29
N LEU C 115 -2.82 9.72 -18.22
CA LEU C 115 -2.13 10.99 -18.43
C LEU C 115 -2.30 11.44 -19.86
N GLU C 116 -2.23 10.53 -20.84
CA GLU C 116 -2.50 10.97 -22.23
C GLU C 116 -3.91 11.50 -22.38
N ALA C 117 -4.90 10.81 -21.81
CA ALA C 117 -6.28 11.29 -21.91
C ALA C 117 -6.45 12.65 -21.23
N ALA C 118 -5.88 12.84 -20.05
CA ALA C 118 -6.02 14.10 -19.35
C ALA C 118 -5.37 15.25 -20.12
N ARG C 119 -4.12 15.04 -20.50
CA ARG C 119 -3.34 16.10 -21.16
C ARG C 119 -3.87 16.44 -22.55
N ASP C 120 -4.20 15.43 -23.34
CA ASP C 120 -4.63 15.73 -24.71
C ASP C 120 -5.96 16.44 -24.68
N HIS C 121 -6.85 16.06 -23.77
CA HIS C 121 -8.16 16.68 -23.72
C HIS C 121 -8.17 18.02 -23.07
N PHE C 122 -7.37 18.22 -22.03
CA PHE C 122 -7.17 19.53 -21.46
C PHE C 122 -6.60 20.47 -22.53
N ASP C 123 -5.57 20.04 -23.25
CA ASP C 123 -4.92 20.89 -24.25
C ASP C 123 -5.91 21.26 -25.33
N PHE C 124 -6.72 20.31 -25.79
CA PHE C 124 -7.71 20.64 -26.81
C PHE C 124 -8.62 21.76 -26.35
N VAL C 125 -9.20 21.62 -25.17
CA VAL C 125 -10.14 22.60 -24.70
C VAL C 125 -9.46 23.91 -24.38
N TYR C 126 -8.41 23.89 -23.60
CA TYR C 126 -7.77 25.11 -23.19
C TYR C 126 -7.10 25.82 -24.37
N ASP C 127 -6.42 25.08 -25.24
CA ASP C 127 -5.70 25.74 -26.35
C ASP C 127 -6.65 26.26 -27.42
N THR C 128 -7.77 25.57 -27.68
CA THR C 128 -8.65 25.99 -28.76
C THR C 128 -9.95 26.66 -28.36
N GLN C 129 -10.40 26.53 -27.10
CA GLN C 129 -11.72 27.01 -26.67
C GLN C 129 -11.66 28.15 -25.66
N TRP C 130 -10.45 28.52 -25.20
CA TRP C 130 -10.23 29.78 -24.50
C TRP C 130 -10.27 30.92 -25.52
N ASP C 131 -10.91 32.02 -25.17
CA ASP C 131 -11.08 33.09 -26.12
C ASP C 131 -11.06 34.40 -25.35
N GLU C 132 -10.45 35.45 -25.93
CA GLU C 132 -10.41 36.78 -25.31
C GLU C 132 -11.50 37.68 -25.86
N GLU C 133 -12.09 37.25 -26.96
CA GLU C 133 -13.01 38.11 -27.71
C GLU C 133 -14.37 38.34 -27.05
N PHE C 134 -14.96 37.29 -26.46
CA PHE C 134 -16.19 37.45 -25.71
C PHE C 134 -15.86 37.36 -24.21
N ALA C 135 -16.32 38.33 -23.45
CA ALA C 135 -16.15 38.40 -21.99
C ALA C 135 -14.70 38.53 -21.55
N ASN C 136 -13.80 38.87 -22.48
CA ASN C 136 -12.42 39.20 -22.14
C ASN C 136 -11.65 38.03 -21.53
N GLY C 137 -12.01 36.83 -21.97
CA GLY C 137 -11.38 35.63 -21.44
C GLY C 137 -12.44 34.56 -21.31
N GLY C 138 -11.98 33.39 -20.84
CA GLY C 138 -12.89 32.30 -20.52
C GLY C 138 -13.03 31.28 -21.62
N ILE C 139 -13.41 30.07 -21.20
CA ILE C 139 -13.63 28.96 -22.11
C ILE C 139 -15.10 28.81 -22.46
N TRP C 140 -15.35 28.63 -23.76
CA TRP C 140 -16.71 28.37 -24.24
C TRP C 140 -17.29 27.08 -23.68
N TRP C 141 -18.60 27.07 -23.49
CA TRP C 141 -19.30 25.86 -23.05
C TRP C 141 -19.24 24.73 -24.09
N LEU C 142 -19.49 25.07 -25.36
CA LEU C 142 -19.49 24.12 -26.45
C LEU C 142 -18.41 24.46 -27.46
N ASN C 143 -17.95 23.47 -28.21
CA ASN C 143 -17.03 23.69 -29.31
C ASN C 143 -17.75 23.73 -30.68
N SER C 144 -19.05 23.51 -30.65
CA SER C 144 -19.88 23.59 -31.86
C SER C 144 -20.36 25.02 -32.10
N ASP C 145 -21.11 25.56 -31.15
CA ASP C 145 -21.60 26.91 -31.23
C ASP C 145 -21.00 27.65 -30.06
N HIS C 146 -20.62 28.90 -30.29
CA HIS C 146 -20.01 29.74 -29.26
C HIS C 146 -20.97 30.83 -28.79
N ASN C 147 -21.81 30.50 -27.81
CA ASN C 147 -22.82 31.41 -27.31
C ASN C 147 -22.71 31.72 -25.84
N THR C 148 -21.99 30.88 -25.10
CA THR C 148 -21.97 31.02 -23.67
C THR C 148 -20.66 30.51 -23.08
N LYS C 149 -20.25 31.14 -21.98
CA LYS C 149 -19.07 30.69 -21.17
C LYS C 149 -19.52 30.46 -19.77
N ASN C 150 -19.19 29.26 -19.24
CA ASN C 150 -19.90 28.74 -18.07
C ASN C 150 -18.98 28.36 -16.93
N ALA C 151 -19.46 28.52 -15.71
CA ALA C 151 -18.70 28.03 -14.54
C ALA C 151 -18.42 26.52 -14.63
N CYS C 152 -19.34 25.75 -15.19
CA CYS C 152 -19.22 24.28 -15.20
C CYS C 152 -18.18 23.79 -16.19
N ILE C 153 -17.65 24.66 -17.09
CA ILE C 153 -16.42 24.33 -17.84
C ILE C 153 -15.22 25.05 -17.27
N ASN C 154 -15.35 26.31 -16.91
CA ASN C 154 -14.18 27.04 -16.48
C ASN C 154 -13.53 26.62 -15.16
N PHE C 155 -14.30 26.43 -14.10
CA PHE C 155 -13.64 26.01 -12.85
C PHE C 155 -13.12 24.59 -12.90
N PRO C 156 -13.86 23.65 -13.51
CA PRO C 156 -13.27 22.31 -13.70
C PRO C 156 -11.99 22.36 -14.52
N ALA C 157 -11.91 23.25 -15.51
CA ALA C 157 -10.66 23.37 -16.27
C ALA C 157 -9.52 23.86 -15.40
N ALA C 158 -9.78 24.80 -14.49
CA ALA C 158 -8.71 25.22 -13.58
C ALA C 158 -8.28 24.06 -12.70
N GLN C 159 -9.22 23.27 -12.22
CA GLN C 159 -8.90 22.08 -11.42
C GLN C 159 -8.10 21.08 -12.22
N ALA C 160 -8.48 20.82 -13.46
CA ALA C 160 -7.76 19.87 -14.27
C ALA C 160 -6.33 20.35 -14.48
N ALA C 161 -6.16 21.65 -14.73
CA ALA C 161 -4.82 22.20 -14.93
C ALA C 161 -3.98 22.02 -13.69
N LEU C 162 -4.57 22.20 -12.52
CA LEU C 162 -3.85 22.00 -11.25
C LEU C 162 -3.42 20.56 -11.09
N TYR C 163 -4.28 19.60 -11.42
CA TYR C 163 -3.85 18.18 -11.34
C TYR C 163 -2.69 17.96 -12.33
N LEU C 164 -2.79 18.50 -13.54
CA LEU C 164 -1.71 18.33 -14.52
C LEU C 164 -0.42 19.02 -14.05
N TYR C 165 -0.51 20.13 -13.36
CA TYR C 165 0.69 20.76 -12.78
C TYR C 165 1.32 19.85 -11.74
N ASP C 166 0.51 19.23 -10.88
CA ASP C 166 1.02 18.31 -9.87
C ASP C 166 1.71 17.13 -10.54
N ILE C 167 1.14 16.60 -11.61
CA ILE C 167 1.73 15.44 -12.27
C ILE C 167 3.01 15.78 -13.04
N THR C 168 2.97 16.84 -13.84
CA THR C 168 4.03 17.10 -14.83
C THR C 168 5.11 18.04 -14.31
N LYS C 169 4.78 18.83 -13.28
CA LYS C 169 5.60 19.93 -12.77
C LYS C 169 5.84 21.03 -13.84
N ASP C 170 5.03 21.02 -14.89
CA ASP C 170 5.18 21.98 -15.97
C ASP C 170 4.42 23.26 -15.62
N GLU C 171 5.16 24.35 -15.41
CA GLU C 171 4.56 25.62 -15.03
C GLU C 171 3.48 26.10 -16.00
N HIS C 172 3.50 25.62 -17.24
CA HIS C 172 2.43 25.93 -18.19
C HIS C 172 1.06 25.66 -17.55
N TYR C 173 0.95 24.56 -16.82
CA TYR C 173 -0.35 24.20 -16.24
C TYR C 173 -0.71 25.02 -15.04
N LEU C 174 0.23 25.41 -14.17
CA LEU C 174 -0.08 26.36 -13.11
C LEU C 174 -0.51 27.71 -13.70
N ASN C 175 0.18 28.16 -14.73
CA ASN C 175 -0.16 29.44 -15.36
C ASN C 175 -1.56 29.40 -15.98
N ALA C 176 -1.93 28.29 -16.61
CA ALA C 176 -3.29 28.15 -17.14
C ALA C 176 -4.32 28.17 -16.03
N ALA C 177 -4.09 27.42 -14.94
CA ALA C 177 -5.03 27.48 -13.83
C ALA C 177 -5.21 28.89 -13.29
N THR C 178 -4.08 29.60 -13.15
CA THR C 178 -4.09 30.94 -12.58
C THR C 178 -4.91 31.89 -13.46
N LYS C 179 -4.69 31.78 -14.77
CA LYS C 179 -5.38 32.61 -15.77
C LYS C 179 -6.90 32.32 -15.80
N ILE C 180 -7.24 31.03 -15.79
CA ILE C 180 -8.65 30.66 -15.83
C ILE C 180 -9.35 31.11 -14.57
N PHE C 181 -8.76 30.82 -13.41
CA PHE C 181 -9.37 31.19 -12.17
C PHE C 181 -9.50 32.70 -12.01
N ARG C 182 -8.46 33.43 -12.36
CA ARG C 182 -8.52 34.90 -12.24
C ARG C 182 -9.66 35.49 -13.08
N TRP C 183 -9.78 35.00 -14.31
CA TRP C 183 -10.89 35.41 -15.18
C TRP C 183 -12.24 35.04 -14.52
N GLY C 184 -12.34 33.79 -14.06
CA GLY C 184 -13.60 33.34 -13.50
C GLY C 184 -14.03 34.08 -12.28
N LYS C 185 -13.07 34.38 -11.38
CA LYS C 185 -13.39 35.17 -10.20
C LYS C 185 -13.95 36.56 -10.60
N THR C 186 -13.34 37.16 -11.61
CA THR C 186 -13.81 38.49 -12.06
C THR C 186 -15.17 38.44 -12.77
N MET C 187 -15.32 37.49 -13.70
CA MET C 187 -16.47 37.50 -14.62
C MET C 187 -17.61 36.59 -14.17
N LEU C 188 -17.27 35.57 -13.36
CA LEU C 188 -18.28 34.59 -12.94
C LEU C 188 -18.51 34.53 -11.45
N THR C 189 -18.15 35.58 -10.72
CA THR C 189 -18.55 35.66 -9.31
C THR C 189 -18.90 37.10 -8.96
N ASP C 190 -19.57 37.28 -7.82
CA ASP C 190 -19.89 38.62 -7.31
C ASP C 190 -18.75 39.22 -6.49
N GLY C 191 -17.60 38.52 -6.45
CA GLY C 191 -16.42 38.99 -5.73
C GLY C 191 -16.43 38.62 -4.26
N ASN C 192 -17.56 38.09 -3.78
CA ASN C 192 -17.72 37.75 -2.38
C ASN C 192 -18.20 36.32 -2.21
N GLY C 193 -17.83 35.47 -3.16
CA GLY C 193 -18.07 34.05 -2.98
C GLY C 193 -19.25 33.44 -3.73
N LYS C 194 -20.09 34.25 -4.36
CA LYS C 194 -21.24 33.71 -5.11
C LYS C 194 -20.81 33.46 -6.51
N VAL C 195 -20.87 32.20 -6.95
CA VAL C 195 -20.46 31.83 -8.30
C VAL C 195 -21.67 31.81 -9.25
N PHE C 196 -21.53 32.56 -10.35
CA PHE C 196 -22.59 32.67 -11.36
C PHE C 196 -22.55 31.47 -12.29
N ASP C 197 -23.70 31.11 -12.84
CA ASP C 197 -23.76 29.98 -13.74
C ASP C 197 -23.01 30.19 -15.04
N ARG C 198 -23.23 31.32 -15.69
CA ARG C 198 -22.67 31.51 -17.01
C ARG C 198 -22.85 32.96 -17.48
N ILE C 199 -22.18 33.28 -18.57
CA ILE C 199 -22.43 34.53 -19.30
C ILE C 199 -22.71 34.17 -20.73
N GLU C 200 -23.85 34.68 -21.23
CA GLU C 200 -24.34 34.40 -22.58
C GLU C 200 -24.11 35.62 -23.46
N ILE C 201 -23.83 35.38 -24.73
CA ILE C 201 -23.57 36.46 -25.69
C ILE C 201 -24.74 37.41 -25.81
N GLU C 202 -25.97 36.90 -25.82
CA GLU C 202 -27.09 37.83 -25.98
C GLU C 202 -27.63 38.44 -24.69
N HIS C 203 -27.68 37.64 -23.63
CA HIS C 203 -28.37 38.04 -22.41
C HIS C 203 -27.50 38.37 -21.23
N GLY C 204 -26.20 38.12 -21.37
CA GLY C 204 -25.30 38.51 -20.33
C GLY C 204 -25.20 37.53 -19.19
N ALA C 205 -24.85 38.04 -18.05
CA ALA C 205 -24.63 37.18 -16.90
C ALA C 205 -25.91 36.55 -16.39
N VAL C 206 -25.78 35.32 -15.95
CA VAL C 206 -26.86 34.56 -15.35
C VAL C 206 -26.41 34.22 -13.96
N PRO C 207 -26.77 35.04 -12.98
CA PRO C 207 -26.18 34.88 -11.66
C PRO C 207 -26.96 33.89 -10.81
N ASP C 208 -27.21 32.70 -11.35
CA ASP C 208 -27.87 31.64 -10.63
C ASP C 208 -26.76 30.77 -10.01
N ALA C 209 -26.78 30.63 -8.70
CA ALA C 209 -25.75 29.86 -7.99
C ALA C 209 -26.23 28.45 -7.69
N THR C 210 -25.29 27.51 -7.71
CA THR C 210 -25.60 26.10 -7.50
C THR C 210 -24.49 25.42 -6.72
N HIS C 211 -24.82 24.28 -6.12
CA HIS C 211 -23.82 23.52 -5.36
C HIS C 211 -22.58 23.17 -6.17
N TYR C 212 -22.76 22.67 -7.39
CA TYR C 212 -21.56 22.14 -8.09
C TYR C 212 -20.62 23.24 -8.55
N ASN C 213 -21.16 24.43 -8.86
CA ASN C 213 -20.31 25.55 -9.24
C ASN C 213 -19.66 26.20 -8.04
N GLN C 214 -20.35 26.27 -6.89
CA GLN C 214 -19.60 26.62 -5.67
C GLN C 214 -18.46 25.65 -5.43
N GLY C 215 -18.75 24.36 -5.67
CA GLY C 215 -17.79 23.30 -5.38
C GLY C 215 -16.53 23.41 -6.21
N THR C 216 -16.66 23.53 -7.51
CA THR C 216 -15.47 23.55 -8.33
C THR C 216 -14.69 24.86 -8.17
N TYR C 217 -15.40 25.97 -7.91
CA TYR C 217 -14.71 27.20 -7.54
C TYR C 217 -13.88 26.99 -6.26
N ILE C 218 -14.48 26.44 -5.22
CA ILE C 218 -13.76 26.16 -3.96
C ILE C 218 -12.57 25.21 -4.20
N GLY C 219 -12.75 24.16 -5.00
CA GLY C 219 -11.68 23.21 -5.26
C GLY C 219 -10.52 23.87 -5.97
N SER C 220 -10.84 24.68 -6.98
CA SER C 220 -9.78 25.37 -7.73
C SER C 220 -9.08 26.41 -6.82
N ALA C 221 -9.83 27.12 -5.99
CA ALA C 221 -9.20 28.09 -5.08
C ALA C 221 -8.27 27.42 -4.08
N VAL C 222 -8.71 26.30 -3.47
CA VAL C 222 -7.87 25.55 -2.53
C VAL C 222 -6.64 25.02 -3.25
N GLY C 223 -6.82 24.51 -4.46
CA GLY C 223 -5.72 23.99 -5.25
C GLY C 223 -4.70 25.09 -5.57
N LEU C 224 -5.17 26.28 -5.89
CA LEU C 224 -4.23 27.38 -6.16
C LEU C 224 -3.51 27.83 -4.90
N TYR C 225 -4.23 27.86 -3.79
CA TYR C 225 -3.60 28.16 -2.51
C TYR C 225 -2.47 27.22 -2.23
N LYS C 226 -2.72 25.92 -2.41
CA LYS C 226 -1.67 24.94 -2.13
C LYS C 226 -0.49 25.09 -3.10
N ALA C 227 -0.80 25.40 -4.36
CA ALA C 227 0.25 25.47 -5.39
C ALA C 227 1.09 26.74 -5.32
N THR C 228 0.53 27.83 -4.80
CA THR C 228 1.19 29.13 -4.86
C THR C 228 1.56 29.71 -3.50
N GLY C 229 0.90 29.23 -2.44
CA GLY C 229 1.02 29.83 -1.12
C GLY C 229 0.33 31.16 -0.92
N ASN C 230 -0.39 31.62 -1.94
CA ASN C 230 -1.01 32.93 -1.88
C ASN C 230 -2.30 32.85 -1.10
N ALA C 231 -2.32 33.53 0.04
CA ALA C 231 -3.44 33.45 0.99
C ALA C 231 -4.77 33.96 0.43
N VAL C 232 -4.67 34.79 -0.59
CA VAL C 232 -5.89 35.26 -1.20
C VAL C 232 -6.78 34.14 -1.74
N TYR C 233 -6.16 33.08 -2.27
CA TYR C 233 -6.93 31.95 -2.77
C TYR C 233 -7.67 31.20 -1.65
N LEU C 234 -7.06 31.07 -0.46
CA LEU C 234 -7.78 30.45 0.64
C LEU C 234 -8.94 31.33 1.08
N ASP C 235 -8.70 32.64 1.08
CA ASP C 235 -9.78 33.57 1.39
C ASP C 235 -10.94 33.44 0.38
N ASP C 236 -10.59 33.27 -0.88
CA ASP C 236 -11.61 33.11 -1.92
C ASP C 236 -12.47 31.86 -1.63
N ALA C 237 -11.80 30.78 -1.27
CA ALA C 237 -12.48 29.53 -0.96
C ALA C 237 -13.40 29.65 0.23
N VAL C 238 -12.90 30.27 1.31
CA VAL C 238 -13.69 30.49 2.51
C VAL C 238 -14.95 31.33 2.21
N LYS C 239 -14.81 32.41 1.44
CA LYS C 239 -15.99 33.21 1.10
C LYS C 239 -17.03 32.41 0.31
N ALA C 240 -16.58 31.55 -0.59
CA ALA C 240 -17.51 30.72 -1.35
C ALA C 240 -18.16 29.61 -0.52
N ALA C 241 -17.44 29.11 0.47
CA ALA C 241 -18.02 28.13 1.38
C ALA C 241 -19.05 28.80 2.31
N LYS C 242 -18.73 30.02 2.76
CA LYS C 242 -19.67 30.77 3.58
C LYS C 242 -20.94 31.07 2.81
N PHE C 243 -20.78 31.48 1.55
CA PHE C 243 -21.95 31.70 0.71
C PHE C 243 -22.82 30.45 0.62
N THR C 244 -22.17 29.30 0.39
CA THR C 244 -22.91 28.03 0.30
C THR C 244 -23.69 27.71 1.57
N LYS C 245 -23.00 27.76 2.70
CA LYS C 245 -23.58 27.46 3.98
C LYS C 245 -24.70 28.41 4.39
N ASN C 246 -24.57 29.67 3.97
CA ASN C 246 -25.55 30.70 4.32
C ASN C 246 -26.71 30.77 3.35
N HIS C 247 -26.52 30.36 2.09
CA HIS C 247 -27.56 30.62 1.08
C HIS C 247 -28.08 29.41 0.31
N LEU C 248 -27.32 28.31 0.28
CA LEU C 248 -27.76 27.19 -0.54
C LEU C 248 -28.20 26.05 0.33
N VAL C 249 -28.87 26.42 1.43
CA VAL C 249 -29.37 25.50 2.42
C VAL C 249 -30.85 25.81 2.70
N ASP C 250 -31.53 24.84 3.29
CA ASP C 250 -32.91 25.03 3.71
C ASP C 250 -32.96 25.78 5.04
N SER C 251 -34.16 25.90 5.59
CA SER C 251 -34.31 26.73 6.80
C SER C 251 -33.60 26.17 8.03
N ASN C 252 -33.22 24.90 7.96
CA ASN C 252 -32.52 24.25 9.06
C ASN C 252 -31.02 24.06 8.85
N GLY C 253 -30.49 24.63 7.76
CA GLY C 253 -29.06 24.45 7.47
C GLY C 253 -28.69 23.21 6.68
N VAL C 254 -29.66 22.39 6.26
CA VAL C 254 -29.37 21.21 5.45
C VAL C 254 -29.19 21.69 4.01
N LEU C 255 -28.12 21.25 3.37
CA LEU C 255 -27.91 21.58 1.96
C LEU C 255 -29.20 21.34 1.14
N ASN C 256 -29.48 22.24 0.21
CA ASN C 256 -30.69 22.10 -0.61
C ASN C 256 -30.69 20.79 -1.39
N TYR C 257 -31.87 20.25 -1.69
CA TYR C 257 -31.96 19.25 -2.72
C TYR C 257 -32.35 20.05 -3.96
N GLU C 258 -31.43 20.18 -4.91
CA GLU C 258 -31.59 21.05 -6.07
C GLU C 258 -32.36 20.35 -7.17
N GLY C 259 -33.01 21.15 -8.02
CA GLY C 259 -33.80 20.57 -9.08
C GLY C 259 -34.84 21.58 -9.53
N PRO C 260 -35.68 21.17 -10.48
CA PRO C 260 -35.82 19.78 -10.93
C PRO C 260 -34.83 19.40 -12.01
N ASN C 261 -34.04 20.35 -12.53
CA ASN C 261 -33.06 19.97 -13.55
C ASN C 261 -32.20 18.80 -13.12
N GLY C 262 -32.12 17.78 -13.97
CA GLY C 262 -31.47 16.54 -13.60
C GLY C 262 -29.98 16.70 -13.34
N ASP C 263 -29.35 17.64 -14.00
CA ASP C 263 -27.92 17.89 -13.80
C ASP C 263 -27.64 18.40 -12.41
N LEU C 264 -28.59 19.10 -11.81
CA LEU C 264 -28.39 19.70 -10.49
C LEU C 264 -28.65 18.74 -9.34
N LYS C 265 -29.44 17.71 -9.59
CA LYS C 265 -29.96 16.89 -8.48
C LYS C 265 -28.85 16.28 -7.64
N GLY C 266 -27.74 15.89 -8.29
CA GLY C 266 -26.62 15.28 -7.60
C GLY C 266 -25.46 16.24 -7.38
N GLY C 267 -25.66 17.54 -7.55
CA GLY C 267 -24.57 18.49 -7.43
C GLY C 267 -23.89 18.50 -6.07
N LYS C 268 -24.63 18.15 -5.00
CA LYS C 268 -24.02 17.99 -3.69
C LYS C 268 -22.80 17.05 -3.73
N THR C 269 -22.76 16.11 -4.67
CA THR C 269 -21.62 15.21 -4.80
C THR C 269 -20.35 16.01 -5.05
N ILE C 270 -20.42 16.87 -6.06
CA ILE C 270 -19.28 17.68 -6.39
C ILE C 270 -18.94 18.67 -5.30
N LEU C 271 -19.98 19.26 -4.69
CA LEU C 271 -19.75 20.18 -3.59
C LEU C 271 -19.02 19.49 -2.45
N MET C 272 -19.52 18.34 -2.01
CA MET C 272 -18.87 17.67 -0.88
C MET C 272 -17.45 17.28 -1.16
N ARG C 273 -17.14 16.80 -2.36
CA ARG C 273 -15.79 16.42 -2.70
C ARG C 273 -14.85 17.59 -2.44
N ASN C 274 -15.28 18.78 -2.86
CA ASN C 274 -14.46 19.96 -2.74
C ASN C 274 -14.48 20.64 -1.38
N LEU C 275 -15.60 20.58 -0.67
CA LEU C 275 -15.64 21.06 0.72
C LEU C 275 -14.66 20.26 1.58
N ALA C 276 -14.47 18.96 1.27
CA ALA C 276 -13.51 18.14 2.01
C ALA C 276 -12.08 18.70 1.86
N HIS C 277 -11.72 19.22 0.68
CA HIS C 277 -10.39 19.83 0.48
C HIS C 277 -10.23 21.08 1.34
N LEU C 278 -11.27 21.93 1.36
CA LEU C 278 -11.19 23.13 2.18
C LEU C 278 -11.11 22.79 3.65
N GLN C 279 -11.94 21.85 4.08
CA GLN C 279 -11.95 21.44 5.50
C GLN C 279 -10.57 20.98 5.95
N LYS C 280 -9.92 20.16 5.14
CA LYS C 280 -8.62 19.64 5.54
C LYS C 280 -7.58 20.78 5.58
N THR C 281 -7.64 21.69 4.61
CA THR C 281 -6.71 22.84 4.58
C THR C 281 -6.88 23.75 5.77
N LEU C 282 -8.12 24.02 6.18
CA LEU C 282 -8.34 24.85 7.36
C LEU C 282 -7.83 24.19 8.62
N ASP C 283 -8.09 22.90 8.73
CA ASP C 283 -7.66 22.12 9.88
C ASP C 283 -6.14 22.13 9.97
N GLU C 284 -5.47 21.90 8.85
CA GLU C 284 -4.00 21.83 8.83
C GLU C 284 -3.35 23.17 9.12
N THR C 285 -3.90 24.24 8.56
CA THR C 285 -3.27 25.55 8.62
C THR C 285 -3.62 26.33 9.87
N GLY C 286 -4.73 25.95 10.53
CA GLY C 286 -5.24 26.74 11.64
C GLY C 286 -5.81 28.11 11.26
N GLN C 287 -5.96 28.38 9.96
CA GLN C 287 -6.50 29.67 9.50
C GLN C 287 -8.03 29.70 9.69
N TYR C 288 -8.60 30.90 9.82
CA TYR C 288 -10.04 31.08 9.99
C TYR C 288 -10.61 30.18 11.06
N PRO C 289 -10.10 30.27 12.29
CA PRO C 289 -10.53 29.26 13.26
C PRO C 289 -11.99 29.32 13.69
N GLU C 290 -12.57 30.52 13.78
CA GLU C 290 -13.99 30.57 14.12
C GLU C 290 -14.85 29.99 12.99
N PHE C 291 -14.55 30.32 11.74
CA PHE C 291 -15.27 29.70 10.64
C PHE C 291 -15.03 28.20 10.58
N SER C 292 -13.77 27.79 10.76
CA SER C 292 -13.47 26.36 10.71
C SER C 292 -14.35 25.58 11.67
N ALA C 293 -14.53 26.13 12.87
CA ALA C 293 -15.36 25.45 13.86
C ALA C 293 -16.83 25.34 13.45
N GLU C 294 -17.38 26.43 12.94
CA GLU C 294 -18.74 26.47 12.39
C GLU C 294 -18.87 25.55 11.18
N PHE C 295 -17.87 25.57 10.31
CA PHE C 295 -17.86 24.76 9.10
C PHE C 295 -17.86 23.27 9.48
N ASP C 296 -17.02 22.86 10.44
CA ASP C 296 -16.97 21.45 10.82
C ASP C 296 -18.32 20.99 11.38
N GLU C 297 -18.96 21.82 12.22
CA GLU C 297 -20.26 21.45 12.77
C GLU C 297 -21.30 21.30 11.69
N TRP C 298 -21.30 22.24 10.75
CA TRP C 298 -22.28 22.20 9.65
C TRP C 298 -22.09 20.97 8.75
N LEU C 299 -20.84 20.63 8.47
CA LEU C 299 -20.54 19.44 7.68
C LEU C 299 -21.00 18.20 8.44
N ALA C 300 -20.67 18.11 9.73
CA ALA C 300 -21.05 16.92 10.54
C ALA C 300 -22.58 16.80 10.59
N PHE C 301 -23.24 17.91 10.81
CA PHE C 301 -24.70 17.93 10.85
C PHE C 301 -25.29 17.38 9.53
N ASN C 302 -24.80 17.88 8.39
CA ASN C 302 -25.31 17.42 7.12
C ASN C 302 -25.02 15.97 6.82
N ILE C 303 -23.78 15.54 7.08
CA ILE C 303 -23.40 14.18 6.76
C ILE C 303 -24.18 13.18 7.64
N GLU C 304 -24.24 13.47 8.93
CA GLU C 304 -25.00 12.60 9.82
C GLU C 304 -26.48 12.55 9.43
N MET C 305 -27.03 13.70 9.12
CA MET C 305 -28.42 13.78 8.67
CA MET C 305 -28.43 13.71 8.71
C MET C 305 -28.68 12.88 7.46
N ALA C 306 -27.85 13.07 6.44
CA ALA C 306 -28.00 12.32 5.22
C ALA C 306 -27.96 10.82 5.49
N TRP C 307 -26.91 10.33 6.16
CA TRP C 307 -26.76 8.92 6.41
C TRP C 307 -27.91 8.33 7.25
N SER C 308 -28.38 9.14 8.18
CA SER C 308 -29.49 8.70 9.04
C SER C 308 -30.77 8.38 8.25
N HIS C 309 -30.89 8.96 7.05
CA HIS C 309 -32.08 8.77 6.20
C HIS C 309 -31.93 7.67 5.18
N ARG C 310 -30.88 6.88 5.30
CA ARG C 310 -30.70 5.79 4.36
C ARG C 310 -31.87 4.82 4.42
N ASN C 311 -32.20 4.22 3.29
CA ASN C 311 -33.24 3.18 3.24
C ASN C 311 -32.66 1.84 3.68
N SER C 312 -33.44 0.77 3.59
CA SER C 312 -32.99 -0.50 4.13
C SER C 312 -31.90 -1.16 3.27
N ASP C 313 -31.75 -0.67 2.03
CA ASP C 313 -30.63 -1.07 1.15
C ASP C 313 -29.42 -0.15 1.29
N HIS C 314 -29.46 0.76 2.26
CA HIS C 314 -28.35 1.65 2.60
C HIS C 314 -28.11 2.70 1.51
N ILE C 315 -29.16 3.07 0.79
CA ILE C 315 -29.13 4.12 -0.22
C ILE C 315 -29.78 5.36 0.36
N VAL C 316 -29.17 6.51 0.13
CA VAL C 316 -29.68 7.80 0.63
C VAL C 316 -30.14 8.65 -0.54
N ASP C 317 -31.43 8.92 -0.61
CA ASP C 317 -31.92 9.84 -1.61
C ASP C 317 -31.35 11.23 -1.44
N GLY C 318 -31.27 11.99 -2.52
CA GLY C 318 -30.75 13.33 -2.48
C GLY C 318 -31.55 14.32 -1.62
N ASN C 319 -32.78 13.98 -1.25
CA ASN C 319 -33.46 14.79 -0.25
C ASN C 319 -32.94 14.49 1.16
N TRP C 320 -31.75 15.01 1.46
CA TRP C 320 -31.07 14.67 2.71
C TRP C 320 -31.85 15.05 3.96
N ALA C 321 -32.74 16.03 3.82
CA ALA C 321 -33.51 16.51 5.00
C ALA C 321 -34.56 15.49 5.41
N GLY C 322 -34.89 14.57 4.54
CA GLY C 322 -35.95 13.61 4.80
C GLY C 322 -35.76 12.37 3.96
N GLN C 323 -36.81 11.89 3.29
CA GLN C 323 -36.76 10.67 2.53
C GLN C 323 -37.12 10.94 1.08
N LEU C 324 -37.00 9.90 0.26
CA LEU C 324 -37.45 9.98 -1.15
C LEU C 324 -38.91 10.45 -1.24
N LEU C 325 -39.18 11.50 -1.99
CA LEU C 325 -40.56 12.05 -1.96
C LEU C 325 -41.45 11.38 -2.99
N SER C 326 -40.87 10.92 -4.09
CA SER C 326 -41.63 10.23 -5.14
C SER C 326 -40.63 9.64 -6.10
N GLY C 327 -41.11 8.79 -7.00
CA GLY C 327 -40.26 8.30 -8.07
C GLY C 327 -39.36 7.20 -7.55
N THR C 328 -38.21 7.11 -8.20
CA THR C 328 -37.21 6.05 -8.07
C THR C 328 -35.93 6.59 -7.46
N TYR C 329 -35.15 5.74 -6.79
CA TYR C 329 -33.81 6.19 -6.36
C TYR C 329 -32.97 6.30 -7.63
N GLU C 330 -32.26 7.41 -7.73
CA GLU C 330 -31.43 7.75 -8.90
C GLU C 330 -29.96 7.79 -8.53
N SER C 331 -29.08 7.34 -9.42
CA SER C 331 -27.66 7.28 -9.08
C SER C 331 -27.00 8.65 -8.87
N TRP C 332 -27.39 9.69 -9.61
CA TRP C 332 -26.75 10.98 -9.35
C TRP C 332 -27.18 11.59 -8.03
N SER C 333 -28.49 11.66 -7.81
CA SER C 333 -29.05 12.10 -6.53
C SER C 333 -28.48 11.35 -5.33
N SER C 334 -28.40 10.03 -5.46
CA SER C 334 -27.92 9.18 -4.36
C SER C 334 -26.42 9.17 -4.15
N ALA C 335 -25.67 9.65 -5.13
CA ALA C 335 -24.20 9.60 -5.02
C ALA C 335 -23.72 10.55 -3.97
N ALA C 336 -24.50 11.60 -3.69
CA ALA C 336 -24.00 12.65 -2.82
C ALA C 336 -23.70 12.15 -1.42
N ALA C 337 -24.58 11.32 -0.85
CA ALA C 337 -24.30 10.80 0.49
C ALA C 337 -23.08 9.89 0.52
N VAL C 338 -22.93 9.10 -0.56
CA VAL C 338 -21.75 8.23 -0.64
C VAL C 338 -20.47 9.09 -0.63
N GLN C 339 -20.45 10.17 -1.42
CA GLN C 339 -19.34 11.09 -1.40
C GLN C 339 -19.10 11.66 -0.04
N ALA C 340 -20.19 12.08 0.63
CA ALA C 340 -20.07 12.69 1.93
C ALA C 340 -19.38 11.80 2.95
N LEU C 341 -19.62 10.50 2.85
CA LEU C 341 -19.08 9.50 3.78
C LEU C 341 -17.72 8.97 3.33
N ASN C 342 -17.20 9.46 2.20
CA ASN C 342 -15.87 9.10 1.69
C ASN C 342 -14.96 10.32 1.59
N GLY C 343 -15.03 11.16 2.60
CA GLY C 343 -14.27 12.39 2.70
C GLY C 343 -13.67 12.61 4.06
N ILE C 344 -14.18 13.62 4.77
CA ILE C 344 -13.63 14.07 6.05
C ILE C 344 -14.43 13.54 7.26
C1 MAN D . 3.00 -14.39 7.43
C2 MAN D . 2.76 -15.90 7.40
C3 MAN D . 3.00 -16.39 8.80
C4 MAN D . 4.44 -16.06 9.19
C5 MAN D . 4.70 -14.58 9.15
C6 MAN D . 6.14 -14.19 9.45
O1 MAN D . 2.08 -13.69 8.21
O2 MAN D . 3.58 -16.53 6.43
O3 MAN D . 2.83 -17.83 8.80
O4 MAN D . 4.74 -16.50 10.54
O5 MAN D . 4.37 -14.08 7.84
O6 MAN D . 6.99 -14.72 8.35
C1 MAN D . 8.35 -14.56 8.66
C2 MAN D . 9.13 -14.73 7.38
C3 MAN D . 8.98 -16.20 6.85
C4 MAN D . 9.40 -17.21 7.88
C5 MAN D . 8.50 -17.00 9.11
C6 MAN D . 8.86 -17.98 10.24
O2 MAN D . 10.47 -14.54 7.69
O3 MAN D . 9.89 -16.44 5.69
O4 MAN D . 9.06 -18.54 7.35
O5 MAN D . 8.68 -15.68 9.60
O6 MAN D . 10.21 -17.81 10.65
C1 MAN E . 31.59 -10.47 -16.89
C2 MAN E . 32.19 -9.10 -17.21
C3 MAN E . 31.03 -8.26 -17.69
C4 MAN E . 30.42 -8.90 -18.94
C5 MAN E . 29.93 -10.27 -18.61
C6 MAN E . 29.37 -11.00 -19.81
O1 MAN E . 30.72 -10.40 -15.82
O2 MAN E . 33.21 -9.20 -18.16
O3 MAN E . 31.55 -6.96 -18.10
O4 MAN E . 29.27 -8.12 -19.44
O5 MAN E . 30.99 -11.06 -18.05
O6 MAN E . 30.49 -11.27 -20.74
C1 MAN E . 30.02 -11.77 -21.98
C2 MAN E . 31.19 -12.41 -22.72
C3 MAN E . 32.23 -11.31 -23.05
C4 MAN E . 31.62 -10.21 -23.85
C5 MAN E . 30.49 -9.58 -23.04
C6 MAN E . 29.69 -8.46 -23.81
O2 MAN E . 30.69 -12.91 -23.91
O3 MAN E . 33.19 -11.92 -23.99
O4 MAN E . 32.60 -9.11 -24.08
O5 MAN E . 29.52 -10.61 -22.78
O6 MAN E . 29.12 -8.99 -25.02
C1 MAN F . -26.23 23.20 -18.54
C2 MAN F . -25.48 24.55 -18.46
C3 MAN F . -24.93 24.70 -17.02
C4 MAN F . -26.09 24.67 -16.02
C5 MAN F . -26.90 23.41 -16.18
C6 MAN F . -28.14 23.43 -15.25
O1 MAN F . -25.34 22.16 -18.32
O2 MAN F . -26.33 25.69 -18.78
O3 MAN F . -24.21 25.94 -16.89
O4 MAN F . -25.62 24.80 -14.61
O5 MAN F . -27.30 23.22 -17.58
O6 MAN F . -28.99 24.51 -15.75
C1 MAN F . -30.11 24.68 -14.94
C2 MAN F . -31.07 25.60 -15.64
C3 MAN F . -30.46 26.97 -15.86
C4 MAN F . -30.02 27.61 -14.57
C5 MAN F . -28.99 26.71 -13.96
C6 MAN F . -28.46 27.22 -12.62
O2 MAN F . -32.24 25.75 -14.75
O3 MAN F . -31.50 27.84 -16.49
O4 MAN F . -29.37 28.86 -14.86
O5 MAN F . -29.60 25.41 -13.73
O6 MAN F . -29.55 27.35 -11.69
#